data_9KX6
#
_entry.id   9KX6
#
_cell.length_a   1.00
_cell.length_b   1.00
_cell.length_c   1.00
_cell.angle_alpha   90.00
_cell.angle_beta   90.00
_cell.angle_gamma   90.00
#
_symmetry.space_group_name_H-M   'P 1'
#
loop_
_entity.id
_entity.type
_entity.pdbx_description
1 polymer 'Muscarinic acetylcholine receptor M4,C5a anaphylatoxin chemotactic receptor 1'
2 polymer 'Guanine nucleotide-binding protein G(o) subunit alpha'
3 polymer 'Guanine nucleotide-binding protein G(I)/G(S)/G(T) subunit beta-1'
4 polymer 'Complement C5'
5 polymer 'Guanine nucleotide-binding protein G(I)/G(S)/G(O) subunit gamma-2'
6 polymer 'Antibody fragment ScFv16'
#
loop_
_entity_poly.entity_id
_entity_poly.type
_entity_poly.pdbx_seq_one_letter_code
_entity_poly.pdbx_strand_id
1 'polypeptide(L)'
;MGKTIIALSYIFCLVFADYKDDDDAANFTPVNGSSGNQSVRLVTSSSLEVLFQGPGSDPIDNSSFEINYDHYGTMDPNIP
ADGIHLPKRQPGDVAALIIYSVVFLVGVPGNALVVWVTAFEARRAVNAIWFLNLAVADLLSCLALPVLFTTVLNHNYWYF
DATACIVLPSLILLNMYASILLLATISADRFLLVFKPIWCQKVRGTGLAWMACGVAWVLALLLTIPSFVYREAYKDFYSE
HTVCGINYGGGSFPKEKAVAILRLMVGFVLPLLTLNICYTFLLLRTWSRKATRSTKTLKVVMAVVICFFIFWLPYQVTGV
MIAWLPPSSPTLKRVEKLNSLCVSLAYINCCVNPIIYVMAGQGFHGRLLRSLPSIIRNALSEDSVGRDSKTFTPSTTDTS
TRKSQAV
;
A
2 'polypeptide(L)'
;MGHHHHHHENLYFQGTLSAEERAALERSKAIEKNLKEDGISAAKDVKLLLLGADNSGKSTIVKQMKIIHGGSGGSGGTTG
IVETHFTFKNLHFRLFDVGGQRSERKKWIHCFEDVTAIIFCVDLSDYNRMHESLMLFDSICNNKFFIDTSIILFLNKKDL
FGEKIKKSPLTICFPEYTGPNTYEDAAAYIQAQFESKNRSPNKEIYCHMTCATDTNNAQVIFDAVTDIIIANNLRGCGLY
;
B
3 'polypeptide(L)'
;MHHHHHHGSSGSELDQLRQEAEQLKNQIRDARKACADATLSQITNNIDPVGRIQMRTRRTLRGHLAKIYAMHWGTDSRLL
VSASQDGKLIIWDSYTTNKVHAIPLRSSWVMTCAYAPSGNYVACGGLDNICSIYNLKTREGNVRVSRELAGHTGYLSCCR
FLDDNQIVTSSGDTTCALWDIETGQQTTTFTGHTGDVMSLSLAPDTRLFVSGACDASAKLWDVREGMCRQTFTGHESDIN
AICFFPNGNAFATGSDDATCRLFDLRADQELMTYSHDNIICGITSVSFSKSGRLLLAGYDDFNCNVWDALKADRAGVLAG
HDNRVSCLGVTDDGMAVATGSWDSFLKIWN
;
C
4 'polypeptide(L)' TLQKKIEEIAAKYKHSVVKKCCYDGACVNNDETCEQRAARISLGPRCIKAFTECCVVASQLRANISHKDMQLG D
5 'polypeptide(L)' MASNNTASIAQARKLVEQLKMEANIDRIKVSKAAADLMAYCEAHAKEDPLLTPVPASENPFREKKFFCAIL G
6 'polypeptide(L)'
;DVQLVESGGGLVQPGGSRKLSCSASGFAFSSFGMHWVRQAPEKGLEWVAYISSGSGTIYYADTVKGRFTISRDDPKNTLF
LQMTSLRSEDTAMYYCVRSIYYYGSSPFDFWGQGTTLTVSSGGGGSGGGGSGGGGSDIVMTQATSSVPVTPGESVSISCR
SSKSLLHSNGNTYLYWFLQRPGQSPQLLIYRMSNLASGVPDRFSGSGSGTAFTLTISRLEAEDVGVYYCMQHLEYPLTFG
AGTKLELKGSLEVLFQ
;
H
#
# COMPACT_ATOMS: atom_id res chain seq x y z
N PRO A 80 4.56 45.66 58.92
CA PRO A 80 4.05 44.33 59.25
C PRO A 80 4.64 43.24 58.36
N ALA A 81 4.18 42.00 58.55
CA ALA A 81 4.63 40.90 57.69
C ALA A 81 4.21 41.11 56.25
N ASP A 82 3.13 41.86 56.01
CA ASP A 82 2.69 42.20 54.67
C ASP A 82 2.06 43.58 54.68
N GLY A 83 2.45 44.40 53.71
CA GLY A 83 1.94 45.76 53.64
C GLY A 83 0.62 45.86 52.90
N ILE A 84 0.59 45.41 51.65
CA ILE A 84 -0.62 45.45 50.83
C ILE A 84 -0.44 44.47 49.68
N HIS A 85 -1.54 43.93 49.19
CA HIS A 85 -1.51 43.01 48.06
C HIS A 85 -2.74 43.27 47.19
N LEU A 86 -2.57 43.02 45.90
CA LEU A 86 -3.64 43.22 44.93
C LEU A 86 -3.55 42.13 43.87
N PRO A 87 -4.67 41.77 43.24
CA PRO A 87 -4.62 40.79 42.15
C PRO A 87 -4.24 41.42 40.83
N LYS A 88 -3.65 42.63 40.88
CA LYS A 88 -3.28 43.41 39.71
C LYS A 88 -4.53 43.86 38.95
N ARG A 89 -4.34 44.41 37.75
CA ARG A 89 -5.44 45.01 37.00
C ARG A 89 -6.16 44.03 36.07
N GLN A 90 -5.56 42.87 35.79
CA GLN A 90 -6.05 41.89 34.82
C GLN A 90 -6.64 42.56 33.58
N PRO A 91 -5.81 43.21 32.74
CA PRO A 91 -6.34 43.89 31.55
C PRO A 91 -7.11 42.98 30.62
N GLY A 92 -7.76 43.57 29.62
CA GLY A 92 -8.58 42.77 28.71
C GLY A 92 -7.80 41.71 27.97
N ASP A 93 -6.52 41.96 27.70
CA ASP A 93 -5.67 40.97 27.07
C ASP A 93 -5.44 39.74 27.95
N VAL A 94 -5.52 39.90 29.27
CA VAL A 94 -5.41 38.74 30.16
C VAL A 94 -6.59 37.79 29.96
N ALA A 95 -7.75 38.32 29.56
CA ALA A 95 -8.93 37.51 29.29
C ALA A 95 -8.78 36.64 28.04
N ALA A 96 -7.61 36.63 27.41
CA ALA A 96 -7.36 35.77 26.27
C ALA A 96 -7.27 34.30 26.65
N LEU A 97 -7.22 33.99 27.95
CA LEU A 97 -7.21 32.59 28.37
C LEU A 97 -8.43 31.83 27.85
N ILE A 98 -9.55 32.53 27.67
CA ILE A 98 -10.71 31.92 27.03
C ILE A 98 -10.39 31.51 25.60
N ILE A 99 -9.70 32.38 24.86
CA ILE A 99 -9.28 32.03 23.51
C ILE A 99 -8.27 30.90 23.53
N TYR A 100 -7.32 30.93 24.48
CA TYR A 100 -6.33 29.86 24.57
C TYR A 100 -6.99 28.51 24.80
N SER A 101 -7.91 28.45 25.78
CA SER A 101 -8.59 27.20 26.08
C SER A 101 -9.45 26.73 24.93
N VAL A 102 -10.14 27.65 24.25
CA VAL A 102 -10.98 27.28 23.11
C VAL A 102 -10.12 26.70 22.00
N VAL A 103 -9.02 27.36 21.67
CA VAL A 103 -8.15 26.86 20.61
C VAL A 103 -7.57 25.50 20.99
N PHE A 104 -7.17 25.34 22.25
CA PHE A 104 -6.66 24.03 22.69
C PHE A 104 -7.72 22.95 22.51
N LEU A 105 -8.92 23.19 23.05
CA LEU A 105 -9.95 22.15 23.07
C LEU A 105 -10.47 21.82 21.68
N VAL A 106 -10.42 22.77 20.74
CA VAL A 106 -10.92 22.52 19.39
C VAL A 106 -9.79 22.17 18.41
N GLY A 107 -8.53 22.27 18.85
CA GLY A 107 -7.42 21.94 17.98
C GLY A 107 -6.72 20.64 18.30
N VAL A 108 -6.53 20.33 19.58
CA VAL A 108 -5.82 19.10 19.94
C VAL A 108 -6.56 17.84 19.46
N PRO A 109 -7.92 17.73 19.53
CA PRO A 109 -8.53 16.50 19.01
C PRO A 109 -8.49 16.45 17.49
N GLY A 110 -8.73 17.59 16.86
CA GLY A 110 -8.63 17.66 15.41
C GLY A 110 -7.23 17.36 14.92
N ASN A 111 -6.22 17.92 15.60
CA ASN A 111 -4.85 17.63 15.24
C ASN A 111 -4.52 16.15 15.47
N ALA A 112 -5.02 15.58 16.57
CA ALA A 112 -4.76 14.18 16.86
C ALA A 112 -5.36 13.28 15.79
N LEU A 113 -6.56 13.61 15.31
CA LEU A 113 -7.17 12.78 14.28
C LEU A 113 -6.50 12.99 12.92
N VAL A 114 -6.14 14.23 12.58
CA VAL A 114 -5.56 14.47 11.26
C VAL A 114 -4.14 13.92 11.17
N VAL A 115 -3.38 13.94 12.28
CA VAL A 115 -2.04 13.37 12.25
C VAL A 115 -2.13 11.85 12.11
N TRP A 116 -3.16 11.23 12.67
CA TRP A 116 -3.37 9.80 12.49
C TRP A 116 -3.80 9.47 11.07
N VAL A 117 -4.67 10.30 10.49
CA VAL A 117 -5.08 10.09 9.11
C VAL A 117 -3.90 10.26 8.16
N THR A 118 -3.09 11.29 8.38
CA THR A 118 -1.92 11.56 7.56
C THR A 118 -0.67 10.87 8.10
N ALA A 119 -0.83 9.80 8.86
CA ALA A 119 0.30 9.10 9.48
C ALA A 119 1.01 8.25 8.44
N PHE A 120 1.86 7.32 8.91
CA PHE A 120 2.62 6.46 8.01
C PHE A 120 1.71 5.63 7.12
N GLU A 121 0.45 5.43 7.52
CA GLU A 121 -0.50 4.74 6.66
C GLU A 121 -0.70 5.48 5.35
N ALA A 122 -0.92 6.79 5.42
CA ALA A 122 -1.11 7.61 4.24
C ALA A 122 0.19 8.26 3.76
N ARG A 123 1.31 8.00 4.43
CA ARG A 123 2.58 8.60 4.05
C ARG A 123 3.07 8.14 2.67
N ARG A 124 2.51 7.05 2.14
CA ARG A 124 2.85 6.64 0.79
C ARG A 124 2.40 7.65 -0.25
N ALA A 125 1.45 8.51 0.08
CA ALA A 125 0.99 9.57 -0.81
C ALA A 125 1.73 10.86 -0.50
N VAL A 126 2.13 11.57 -1.56
CA VAL A 126 2.91 12.80 -1.39
C VAL A 126 2.07 13.87 -0.72
N ASN A 127 0.80 13.99 -1.10
CA ASN A 127 -0.04 15.06 -0.57
C ASN A 127 -0.23 14.94 0.94
N ALA A 128 -0.28 13.71 1.46
CA ALA A 128 -0.47 13.53 2.90
C ALA A 128 0.75 13.97 3.70
N ILE A 129 1.93 14.04 3.09
CA ILE A 129 3.13 14.41 3.83
C ILE A 129 3.06 15.88 4.27
N TRP A 130 2.63 16.78 3.39
CA TRP A 130 2.52 18.19 3.74
C TRP A 130 1.57 18.38 4.91
N PHE A 131 0.41 17.74 4.85
CA PHE A 131 -0.57 17.90 5.92
C PHE A 131 -0.12 17.20 7.19
N LEU A 132 0.64 16.11 7.07
CA LEU A 132 1.21 15.48 8.27
C LEU A 132 2.19 16.42 8.95
N ASN A 133 3.06 17.07 8.18
CA ASN A 133 4.02 18.00 8.77
C ASN A 133 3.31 19.19 9.41
N LEU A 134 2.34 19.77 8.70
CA LEU A 134 1.61 20.90 9.28
C LEU A 134 0.84 20.49 10.52
N ALA A 135 0.22 19.30 10.50
CA ALA A 135 -0.55 18.82 11.64
C ALA A 135 0.35 18.55 12.83
N VAL A 136 1.53 17.96 12.61
CA VAL A 136 2.41 17.67 13.74
C VAL A 136 2.98 18.97 14.31
N ALA A 137 3.27 19.95 13.45
CA ALA A 137 3.69 21.25 13.94
C ALA A 137 2.62 21.90 14.80
N ASP A 138 1.37 21.90 14.31
CA ASP A 138 0.27 22.47 15.08
C ASP A 138 0.04 21.71 16.37
N LEU A 139 0.19 20.38 16.34
CA LEU A 139 -0.06 19.57 17.53
C LEU A 139 1.03 19.80 18.57
N LEU A 140 2.28 19.96 18.13
CA LEU A 140 3.34 20.31 19.07
C LEU A 140 3.11 21.69 19.66
N SER A 141 2.65 22.65 18.84
CA SER A 141 2.31 23.97 19.37
C SER A 141 1.17 23.89 20.37
N CYS A 142 0.16 23.07 20.08
CA CYS A 142 -1.00 22.93 20.97
C CYS A 142 -0.65 22.22 22.26
N LEU A 143 0.27 21.25 22.21
CA LEU A 143 0.72 20.61 23.44
C LEU A 143 1.49 21.57 24.33
N ALA A 144 2.01 22.66 23.77
CA ALA A 144 2.69 23.69 24.53
C ALA A 144 1.76 24.82 24.95
N LEU A 145 0.49 24.77 24.58
CA LEU A 145 -0.46 25.78 25.04
C LEU A 145 -0.57 25.88 26.55
N PRO A 146 -0.56 24.80 27.33
CA PRO A 146 -0.66 24.96 28.79
C PRO A 146 0.39 25.89 29.39
N VAL A 147 1.61 25.87 28.86
CA VAL A 147 2.67 26.69 29.44
C VAL A 147 2.32 28.18 29.30
N LEU A 148 1.97 28.61 28.10
CA LEU A 148 1.66 30.02 27.90
C LEU A 148 0.33 30.40 28.54
N PHE A 149 -0.64 29.47 28.57
CA PHE A 149 -1.88 29.73 29.30
C PHE A 149 -1.59 29.98 30.77
N THR A 150 -0.71 29.17 31.37
CA THR A 150 -0.36 29.36 32.77
C THR A 150 0.36 30.68 32.98
N THR A 151 1.28 31.03 32.09
CA THR A 151 2.05 32.27 32.32
C THR A 151 1.19 33.50 32.09
N VAL A 152 0.18 33.42 31.20
CA VAL A 152 -0.67 34.59 31.01
C VAL A 152 -1.72 34.67 32.12
N LEU A 153 -2.15 33.53 32.66
CA LEU A 153 -3.01 33.60 33.84
C LEU A 153 -2.23 33.96 35.10
N ASN A 154 -0.91 33.79 35.07
CA ASN A 154 -0.03 34.23 36.15
C ASN A 154 0.50 35.64 35.92
N HIS A 155 -0.06 36.37 34.97
CA HIS A 155 0.33 37.76 34.68
C HIS A 155 1.78 37.84 34.23
N ASN A 156 2.11 37.06 33.20
CA ASN A 156 3.43 37.02 32.57
C ASN A 156 4.53 36.56 33.52
N TYR A 157 4.17 36.01 34.69
CA TYR A 157 5.18 35.48 35.59
C TYR A 157 5.57 34.07 35.18
N TRP A 158 6.86 33.86 34.95
CA TRP A 158 7.38 32.57 34.47
C TRP A 158 7.57 31.65 35.67
N TYR A 159 6.69 30.66 35.80
CA TYR A 159 6.72 29.73 36.93
C TYR A 159 7.43 28.44 36.61
N PHE A 160 8.44 28.47 35.74
CA PHE A 160 9.17 27.28 35.34
C PHE A 160 10.66 27.52 35.55
N ASP A 161 11.47 26.56 35.12
CA ASP A 161 12.91 26.66 35.27
C ASP A 161 13.47 27.75 34.36
N ALA A 162 14.61 28.30 34.78
CA ALA A 162 15.26 29.35 34.00
C ALA A 162 15.68 28.83 32.63
N THR A 163 16.23 27.61 32.58
CA THR A 163 16.59 27.01 31.30
C THR A 163 15.38 26.70 30.44
N ALA A 164 14.18 26.58 31.04
CA ALA A 164 12.98 26.40 30.26
C ALA A 164 12.54 27.68 29.58
N CYS A 165 12.86 28.85 30.16
CA CYS A 165 12.48 30.11 29.56
C CYS A 165 13.15 30.34 28.22
N ILE A 166 14.26 29.63 27.95
CA ILE A 166 14.98 29.80 26.70
C ILE A 166 14.62 28.75 25.66
N VAL A 167 13.86 27.71 26.03
CA VAL A 167 13.57 26.60 25.15
C VAL A 167 12.07 26.44 24.90
N LEU A 168 11.24 26.52 25.94
CA LEU A 168 9.81 26.25 25.76
C LEU A 168 9.14 27.32 24.90
N PRO A 169 9.19 28.62 25.24
CA PRO A 169 8.66 29.61 24.30
C PRO A 169 9.42 29.61 22.98
N SER A 170 10.71 29.30 23.02
CA SER A 170 11.46 29.13 21.77
C SER A 170 10.93 27.95 20.98
N LEU A 171 10.55 26.87 21.65
CA LEU A 171 9.96 25.73 20.95
C LEU A 171 8.63 26.11 20.31
N ILE A 172 7.81 26.88 21.03
CA ILE A 172 6.53 27.31 20.48
C ILE A 172 6.75 28.21 19.27
N LEU A 173 7.72 29.13 19.36
CA LEU A 173 8.05 29.97 18.21
C LEU A 173 8.53 29.13 17.04
N LEU A 174 9.37 28.14 17.30
CA LEU A 174 9.86 27.27 16.24
C LEU A 174 8.72 26.55 15.55
N ASN A 175 7.81 25.97 16.35
CA ASN A 175 6.70 25.23 15.78
C ASN A 175 5.74 26.13 15.01
N MET A 176 5.49 27.34 15.51
CA MET A 176 4.54 28.23 14.84
C MET A 176 5.11 28.81 13.56
N TYR A 177 6.40 29.18 13.56
CA TYR A 177 7.01 29.63 12.32
C TYR A 177 7.14 28.48 11.34
N ALA A 178 7.35 27.25 11.83
CA ALA A 178 7.30 26.08 10.97
C ALA A 178 5.92 25.92 10.36
N SER A 179 4.87 26.18 11.15
CA SER A 179 3.50 26.08 10.62
C SER A 179 3.23 27.17 9.59
N ILE A 180 3.72 28.39 9.83
CA ILE A 180 3.54 29.46 8.87
C ILE A 180 4.25 29.12 7.56
N LEU A 181 5.51 28.69 7.65
CA LEU A 181 6.24 28.32 6.45
C LEU A 181 5.68 27.05 5.82
N LEU A 182 5.01 26.20 6.60
CA LEU A 182 4.37 25.03 6.01
C LEU A 182 3.10 25.40 5.27
N LEU A 183 2.36 26.39 5.78
CA LEU A 183 1.26 26.95 5.00
C LEU A 183 1.78 27.58 3.72
N ALA A 184 2.91 28.29 3.80
CA ALA A 184 3.50 28.90 2.61
C ALA A 184 3.93 27.83 1.61
N THR A 185 4.55 26.74 2.10
CA THR A 185 5.00 25.69 1.20
C THR A 185 3.85 24.86 0.66
N ILE A 186 2.77 24.69 1.43
CA ILE A 186 1.58 24.03 0.92
C ILE A 186 0.94 24.89 -0.17
N SER A 187 0.92 26.20 0.04
CA SER A 187 0.42 27.10 -1.01
C SER A 187 1.29 27.01 -2.26
N ALA A 188 2.61 26.95 -2.07
CA ALA A 188 3.51 26.80 -3.21
C ALA A 188 3.32 25.46 -3.92
N ASP A 189 3.11 24.39 -3.15
CA ASP A 189 2.90 23.08 -3.74
C ASP A 189 1.59 23.01 -4.51
N ARG A 190 0.53 23.59 -3.96
CA ARG A 190 -0.74 23.66 -4.67
C ARG A 190 -0.68 24.60 -5.86
N PHE A 191 0.21 25.60 -5.82
CA PHE A 191 0.45 26.46 -6.96
C PHE A 191 1.18 25.70 -8.06
N LEU A 192 2.15 24.87 -7.68
CA LEU A 192 2.90 24.09 -8.66
C LEU A 192 2.06 22.97 -9.26
N LEU A 193 1.19 22.35 -8.46
CA LEU A 193 0.29 21.32 -8.97
C LEU A 193 -0.67 21.86 -10.02
N VAL A 194 -0.98 23.16 -9.97
CA VAL A 194 -1.89 23.77 -10.93
C VAL A 194 -1.13 24.35 -12.11
N PHE A 195 -0.03 25.05 -11.86
CA PHE A 195 0.69 25.74 -12.92
C PHE A 195 1.67 24.83 -13.66
N LYS A 196 2.18 23.79 -13.02
CA LYS A 196 3.13 22.86 -13.62
C LYS A 196 2.61 21.44 -13.43
N PRO A 197 1.52 21.07 -14.11
CA PRO A 197 1.01 19.70 -13.96
C PRO A 197 1.93 18.66 -14.54
N ILE A 198 2.68 18.99 -15.59
CA ILE A 198 3.53 18.00 -16.23
C ILE A 198 4.94 18.00 -15.65
N TRP A 199 5.42 19.14 -15.16
CA TRP A 199 6.68 19.16 -14.43
C TRP A 199 6.58 18.40 -13.12
N CYS A 200 5.43 18.44 -12.46
CA CYS A 200 5.17 17.53 -11.37
C CYS A 200 4.94 16.12 -11.93
N GLN A 201 4.90 15.15 -11.01
CA GLN A 201 4.84 13.72 -11.32
C GLN A 201 6.19 13.24 -11.88
N LYS A 202 7.12 14.18 -12.09
CA LYS A 202 8.48 13.87 -12.47
C LYS A 202 9.44 14.04 -11.29
N VAL A 203 9.38 15.19 -10.62
CA VAL A 203 10.09 15.40 -9.37
C VAL A 203 9.20 15.27 -8.16
N ARG A 204 7.88 15.20 -8.35
CA ARG A 204 6.96 15.02 -7.25
C ARG A 204 7.20 13.67 -6.60
N GLY A 205 7.25 13.64 -5.28
CA GLY A 205 7.46 12.39 -4.58
C GLY A 205 7.66 12.62 -3.10
N THR A 206 7.88 11.51 -2.40
CA THR A 206 8.11 11.58 -0.96
C THR A 206 9.40 12.33 -0.65
N GLY A 207 10.44 12.09 -1.43
CA GLY A 207 11.73 12.71 -1.14
C GLY A 207 11.70 14.22 -1.25
N LEU A 208 11.12 14.74 -2.34
CA LEU A 208 11.04 16.19 -2.51
C LEU A 208 10.16 16.83 -1.45
N ALA A 209 9.06 16.17 -1.10
CA ALA A 209 8.18 16.70 -0.06
C ALA A 209 8.91 16.79 1.27
N TRP A 210 9.64 15.74 1.65
CA TRP A 210 10.36 15.78 2.92
C TRP A 210 11.52 16.77 2.87
N MET A 211 12.17 16.93 1.72
CA MET A 211 13.23 17.94 1.62
C MET A 211 12.66 19.34 1.79
N ALA A 212 11.52 19.63 1.15
CA ALA A 212 10.92 20.95 1.31
C ALA A 212 10.46 21.20 2.73
N CYS A 213 9.87 20.18 3.37
CA CYS A 213 9.45 20.34 4.76
C CYS A 213 10.65 20.56 5.66
N GLY A 214 11.75 19.84 5.42
CA GLY A 214 12.96 20.05 6.19
C GLY A 214 13.54 21.44 6.00
N VAL A 215 13.47 21.95 4.76
CA VAL A 215 13.93 23.31 4.51
C VAL A 215 13.08 24.31 5.28
N ALA A 216 11.76 24.09 5.31
CA ALA A 216 10.88 24.97 6.07
C ALA A 216 11.23 24.92 7.55
N TRP A 217 11.47 23.73 8.09
CA TRP A 217 11.81 23.60 9.50
C TRP A 217 13.18 24.23 9.79
N VAL A 218 14.11 24.13 8.86
CA VAL A 218 15.42 24.76 9.03
C VAL A 218 15.29 26.29 9.03
N LEU A 219 14.44 26.83 8.15
CA LEU A 219 14.20 28.26 8.16
C LEU A 219 13.55 28.70 9.47
N ALA A 220 12.62 27.89 9.98
CA ALA A 220 12.03 28.19 11.29
C ALA A 220 13.07 28.16 12.38
N LEU A 221 14.00 27.20 12.32
CA LEU A 221 15.08 27.13 13.29
C LEU A 221 15.96 28.37 13.22
N LEU A 222 16.28 28.82 12.00
CA LEU A 222 17.07 30.04 11.85
C LEU A 222 16.34 31.24 12.42
N LEU A 223 15.02 31.33 12.19
CA LEU A 223 14.24 32.44 12.71
C LEU A 223 14.10 32.40 14.23
N THR A 224 14.18 31.21 14.83
CA THR A 224 14.01 31.09 16.27
C THR A 224 15.33 31.04 17.03
N ILE A 225 16.47 30.91 16.34
CA ILE A 225 17.76 30.97 17.03
C ILE A 225 17.95 32.27 17.80
N PRO A 226 17.63 33.46 17.26
CA PRO A 226 17.78 34.68 18.06
C PRO A 226 16.95 34.69 19.33
N SER A 227 16.04 33.72 19.46
CA SER A 227 15.33 33.48 20.71
C SER A 227 15.95 32.35 21.52
N PHE A 228 16.67 31.44 20.87
CA PHE A 228 17.34 30.37 21.59
C PHE A 228 18.61 30.84 22.29
N VAL A 229 19.14 32.01 21.92
CA VAL A 229 20.41 32.46 22.47
C VAL A 229 20.33 33.88 23.00
N TYR A 230 19.11 34.42 23.15
CA TYR A 230 18.96 35.74 23.73
C TYR A 230 17.78 35.90 24.67
N ARG A 231 17.13 34.81 25.10
CA ARG A 231 16.05 34.93 26.05
C ARG A 231 16.54 34.59 27.46
N GLU A 232 16.09 35.38 28.43
CA GLU A 232 16.56 35.23 29.79
C GLU A 232 15.55 35.87 30.74
N ALA A 233 15.38 35.27 31.91
CA ALA A 233 14.49 35.80 32.94
C ALA A 233 15.30 36.60 33.95
N TYR A 234 14.98 37.89 34.05
CA TYR A 234 15.74 38.77 34.93
C TYR A 234 14.78 39.67 35.68
N LYS A 235 15.05 39.86 36.97
CA LYS A 235 14.25 40.72 37.83
C LYS A 235 15.09 41.06 39.06
N ASP A 236 14.61 42.03 39.83
CA ASP A 236 15.31 42.45 41.02
C ASP A 236 14.30 43.02 42.01
N PHE A 237 14.43 42.63 43.28
CA PHE A 237 13.56 43.10 44.36
C PHE A 237 12.09 42.77 44.07
N TYR A 238 11.86 41.71 43.29
CA TYR A 238 10.52 41.26 42.92
C TYR A 238 10.44 39.75 43.09
N SER A 239 10.91 39.26 44.25
CA SER A 239 11.08 37.83 44.48
C SER A 239 9.80 37.03 44.30
N GLU A 240 8.64 37.67 44.28
CA GLU A 240 7.39 36.98 44.06
C GLU A 240 7.00 36.87 42.59
N HIS A 241 7.85 37.35 41.68
CA HIS A 241 7.58 37.25 40.25
C HIS A 241 8.90 37.13 39.49
N THR A 242 8.79 36.66 38.25
CA THR A 242 9.92 36.58 37.32
C THR A 242 9.35 36.39 35.93
N VAL A 243 9.73 37.27 35.01
CA VAL A 243 9.17 37.28 33.66
C VAL A 243 10.19 36.71 32.69
N CYS A 244 9.70 36.02 31.65
CA CYS A 244 10.55 35.38 30.67
C CYS A 244 10.71 36.32 29.48
N GLY A 245 11.35 37.45 29.74
CA GLY A 245 11.55 38.49 28.77
C GLY A 245 12.79 38.28 27.93
N ILE A 246 13.11 39.29 27.11
CA ILE A 246 14.28 39.28 26.24
C ILE A 246 15.10 40.54 26.51
N ASN A 247 16.41 40.38 26.53
CA ASN A 247 17.33 41.48 26.74
C ASN A 247 18.16 41.72 25.49
N TYR A 248 18.60 42.96 25.31
CA TYR A 248 19.42 43.37 24.17
C TYR A 248 20.56 44.28 24.61
N GLY A 249 21.02 44.13 25.85
CA GLY A 249 22.08 44.95 26.37
C GLY A 249 23.38 44.84 25.58
N GLY A 250 23.88 45.98 25.10
CA GLY A 250 25.09 45.96 24.30
C GLY A 250 25.42 47.34 23.76
N GLY A 251 26.00 47.35 22.57
CA GLY A 251 26.43 48.58 21.92
C GLY A 251 25.32 49.25 21.15
N SER A 252 25.73 50.16 20.26
CA SER A 252 24.78 50.93 19.46
C SER A 252 24.17 50.11 18.32
N PHE A 253 24.66 48.90 18.07
CA PHE A 253 24.12 48.09 16.99
C PHE A 253 22.66 47.74 17.30
N PRO A 254 21.79 47.68 16.28
CA PRO A 254 20.38 47.37 16.54
C PRO A 254 20.18 45.90 16.90
N LYS A 255 20.47 45.56 18.15
CA LYS A 255 20.31 44.18 18.60
C LYS A 255 18.85 43.75 18.58
N GLU A 256 17.93 44.67 18.84
CA GLU A 256 16.50 44.36 18.87
C GLU A 256 15.78 44.72 17.58
N LYS A 257 16.15 45.84 16.95
CA LYS A 257 15.49 46.25 15.72
C LYS A 257 15.81 45.35 14.55
N ALA A 258 17.06 44.87 14.45
CA ALA A 258 17.39 43.90 13.41
C ALA A 258 16.58 42.62 13.57
N VAL A 259 16.45 42.15 14.81
CA VAL A 259 15.63 40.96 15.07
C VAL A 259 14.18 41.23 14.66
N ALA A 260 13.66 42.40 15.04
CA ALA A 260 12.28 42.73 14.72
C ALA A 260 12.04 42.72 13.21
N ILE A 261 12.91 43.41 12.45
CA ILE A 261 12.69 43.52 11.02
C ILE A 261 12.88 42.18 10.33
N LEU A 262 13.92 41.42 10.72
CA LEU A 262 14.17 40.11 10.12
C LEU A 262 13.00 39.18 10.37
N ARG A 263 12.55 39.08 11.63
CA ARG A 263 11.44 38.22 11.97
C ARG A 263 10.18 38.64 11.25
N LEU A 264 9.80 39.92 11.35
CA LEU A 264 8.65 40.45 10.62
C LEU A 264 8.68 40.00 9.16
N MET A 265 9.71 40.42 8.43
CA MET A 265 9.79 40.15 7.01
C MET A 265 9.70 38.65 6.73
N VAL A 266 10.74 37.91 7.15
CA VAL A 266 10.89 36.53 6.68
C VAL A 266 9.77 35.65 7.22
N GLY A 267 9.27 35.91 8.43
CA GLY A 267 8.26 35.03 8.98
C GLY A 267 6.82 35.40 8.72
N PHE A 268 6.53 36.63 8.32
CA PHE A 268 5.13 36.91 8.01
C PHE A 268 4.91 37.61 6.69
N VAL A 269 5.76 38.55 6.32
CA VAL A 269 5.49 39.35 5.12
C VAL A 269 5.68 38.52 3.88
N LEU A 270 6.82 37.83 3.79
CA LEU A 270 7.02 36.87 2.71
C LEU A 270 6.01 35.72 2.77
N PRO A 271 5.71 35.11 3.92
CA PRO A 271 4.64 34.09 3.93
C PRO A 271 3.28 34.62 3.53
N LEU A 272 2.85 35.76 4.06
CA LEU A 272 1.56 36.32 3.66
C LEU A 272 1.55 36.67 2.17
N LEU A 273 2.63 37.29 1.69
CA LEU A 273 2.71 37.65 0.28
C LEU A 273 2.64 36.41 -0.60
N THR A 274 3.40 35.37 -0.25
CA THR A 274 3.42 34.17 -1.10
C THR A 274 2.09 33.43 -1.02
N LEU A 275 1.44 33.40 0.15
CA LEU A 275 0.12 32.80 0.26
C LEU A 275 -0.87 33.50 -0.66
N ASN A 276 -0.96 34.83 -0.54
CA ASN A 276 -1.93 35.58 -1.34
C ASN A 276 -1.64 35.45 -2.82
N ILE A 277 -0.36 35.58 -3.21
CA ILE A 277 -0.01 35.56 -4.63
C ILE A 277 -0.23 34.17 -5.21
N CYS A 278 0.21 33.12 -4.49
CA CYS A 278 0.05 31.76 -4.99
C CYS A 278 -1.41 31.39 -5.14
N TYR A 279 -2.24 31.73 -4.14
CA TYR A 279 -3.65 31.39 -4.27
C TYR A 279 -4.35 32.23 -5.33
N THR A 280 -3.95 33.50 -5.51
CA THR A 280 -4.55 34.32 -6.54
C THR A 280 -4.25 33.76 -7.93
N PHE A 281 -2.99 33.40 -8.17
CA PHE A 281 -2.64 32.79 -9.46
C PHE A 281 -3.30 31.43 -9.61
N LEU A 282 -3.42 30.67 -8.52
CA LEU A 282 -4.08 29.37 -8.58
C LEU A 282 -5.52 29.50 -9.02
N LEU A 283 -6.25 30.46 -8.45
CA LEU A 283 -7.64 30.67 -8.84
C LEU A 283 -7.75 31.21 -10.26
N LEU A 284 -6.89 32.16 -10.63
CA LEU A 284 -6.95 32.70 -11.98
C LEU A 284 -6.57 31.67 -13.03
N ARG A 285 -5.85 30.61 -12.65
CA ARG A 285 -5.57 29.52 -13.57
C ARG A 285 -6.68 28.47 -13.57
N THR A 286 -7.27 28.18 -12.40
CA THR A 286 -8.27 27.13 -12.33
C THR A 286 -9.60 27.58 -12.91
N TRP A 287 -9.93 28.86 -12.80
CA TRP A 287 -11.20 29.36 -13.30
C TRP A 287 -11.17 29.75 -14.76
N SER A 288 -10.26 29.18 -15.56
CA SER A 288 -10.10 29.58 -16.95
C SER A 288 -10.61 28.53 -17.94
N ARG A 289 -10.48 27.25 -17.63
CA ARG A 289 -10.73 26.20 -18.59
C ARG A 289 -12.08 25.52 -18.45
N LYS A 290 -12.91 25.96 -17.50
CA LYS A 290 -14.30 25.52 -17.36
C LYS A 290 -14.39 24.09 -16.85
N ALA A 291 -13.26 23.39 -16.76
CA ALA A 291 -13.21 22.03 -16.27
C ALA A 291 -12.68 21.95 -14.85
N THR A 292 -11.55 22.62 -14.57
CA THR A 292 -11.04 22.75 -13.21
C THR A 292 -11.77 23.82 -12.42
N ARG A 293 -12.61 24.62 -13.07
CA ARG A 293 -13.34 25.68 -12.40
C ARG A 293 -14.27 25.10 -11.34
N SER A 294 -14.25 25.70 -10.15
CA SER A 294 -15.12 25.29 -9.07
C SER A 294 -15.16 26.39 -8.03
N THR A 295 -16.32 26.53 -7.38
CA THR A 295 -16.46 27.54 -6.33
C THR A 295 -15.73 27.15 -5.06
N LYS A 296 -15.50 25.85 -4.85
CA LYS A 296 -14.77 25.41 -3.66
C LYS A 296 -13.32 25.87 -3.70
N THR A 297 -12.72 25.89 -4.89
CA THR A 297 -11.35 26.35 -5.03
C THR A 297 -11.20 27.80 -4.58
N LEU A 298 -12.19 28.64 -4.86
CA LEU A 298 -12.16 30.00 -4.36
C LEU A 298 -12.49 30.05 -2.87
N LYS A 299 -13.47 29.26 -2.44
CA LYS A 299 -13.97 29.37 -1.07
C LYS A 299 -12.90 28.98 -0.05
N VAL A 300 -12.23 27.85 -0.27
CA VAL A 300 -11.28 27.37 0.73
C VAL A 300 -10.07 28.29 0.83
N VAL A 301 -9.56 28.76 -0.32
CA VAL A 301 -8.41 29.65 -0.27
C VAL A 301 -8.79 30.99 0.33
N MET A 302 -10.00 31.49 0.03
CA MET A 302 -10.43 32.73 0.65
C MET A 302 -10.53 32.59 2.15
N ALA A 303 -11.09 31.47 2.62
CA ALA A 303 -11.20 31.25 4.06
C ALA A 303 -9.82 31.20 4.72
N VAL A 304 -8.89 30.44 4.14
CA VAL A 304 -7.59 30.27 4.78
C VAL A 304 -6.83 31.59 4.76
N VAL A 305 -6.88 32.34 3.66
CA VAL A 305 -6.16 33.60 3.58
C VAL A 305 -6.76 34.62 4.54
N ILE A 306 -8.10 34.67 4.64
CA ILE A 306 -8.74 35.60 5.56
C ILE A 306 -8.36 35.29 6.99
N CYS A 307 -8.39 34.01 7.37
CA CYS A 307 -8.01 33.63 8.73
C CYS A 307 -6.55 33.98 9.00
N PHE A 308 -5.66 33.65 8.04
CA PHE A 308 -4.24 33.95 8.22
C PHE A 308 -4.03 35.44 8.44
N PHE A 309 -4.61 36.28 7.58
CA PHE A 309 -4.40 37.71 7.69
C PHE A 309 -4.96 38.25 9.00
N ILE A 310 -6.21 37.92 9.30
CA ILE A 310 -6.86 38.48 10.49
C ILE A 310 -6.15 38.05 11.75
N PHE A 311 -5.64 36.82 11.81
CA PHE A 311 -5.01 36.35 13.04
C PHE A 311 -3.52 36.63 13.12
N TRP A 312 -2.87 37.00 12.01
CA TRP A 312 -1.43 37.23 12.05
C TRP A 312 -1.02 38.68 11.93
N LEU A 313 -1.82 39.54 11.30
CA LEU A 313 -1.46 40.96 11.25
C LEU A 313 -1.35 41.58 12.64
N PRO A 314 -2.28 41.39 13.58
CA PRO A 314 -2.10 41.99 14.91
C PRO A 314 -0.83 41.54 15.61
N TYR A 315 -0.48 40.26 15.51
CA TYR A 315 0.72 39.77 16.19
C TYR A 315 1.96 40.48 15.68
N GLN A 316 2.11 40.56 14.36
CA GLN A 316 3.32 41.15 13.79
C GLN A 316 3.36 42.66 13.99
N VAL A 317 2.21 43.34 13.87
CA VAL A 317 2.21 44.77 14.10
C VAL A 317 2.54 45.07 15.56
N THR A 318 2.04 44.26 16.48
CA THR A 318 2.37 44.43 17.89
C THR A 318 3.84 44.14 18.15
N GLY A 319 4.40 43.13 17.47
CA GLY A 319 5.81 42.83 17.63
C GLY A 319 6.71 43.93 17.12
N VAL A 320 6.30 44.60 16.03
CA VAL A 320 7.08 45.72 15.53
C VAL A 320 6.95 46.92 16.46
N MET A 321 5.75 47.17 16.98
CA MET A 321 5.54 48.29 17.88
C MET A 321 6.32 48.10 19.18
N ILE A 322 6.35 46.87 19.69
CA ILE A 322 7.06 46.60 20.94
C ILE A 322 8.56 46.78 20.78
N ALA A 323 9.06 46.84 19.54
CA ALA A 323 10.48 47.01 19.30
C ALA A 323 10.85 48.44 18.97
N TRP A 324 10.09 49.09 18.08
CA TRP A 324 10.44 50.45 17.68
C TRP A 324 10.07 51.50 18.71
N LEU A 325 9.19 51.18 19.65
CA LEU A 325 8.89 52.11 20.73
C LEU A 325 10.09 52.21 21.67
N PRO A 326 10.48 53.42 22.08
CA PRO A 326 11.65 53.54 22.94
C PRO A 326 11.39 52.88 24.28
N PRO A 327 12.46 52.41 24.95
CA PRO A 327 12.26 51.85 26.30
C PRO A 327 11.61 52.82 27.27
N SER A 328 11.95 54.12 27.17
CA SER A 328 11.20 55.16 27.85
C SER A 328 9.94 55.41 27.03
N SER A 329 9.01 54.46 27.14
CA SER A 329 7.89 54.35 26.21
C SER A 329 6.74 55.27 26.61
N PRO A 330 6.09 55.88 25.62
CA PRO A 330 4.88 56.66 25.90
C PRO A 330 3.62 55.80 26.04
N THR A 331 3.53 54.72 25.24
CA THR A 331 2.30 53.94 25.19
C THR A 331 2.54 52.43 25.11
N LEU A 332 3.74 51.94 25.42
CA LEU A 332 4.00 50.51 25.28
C LEU A 332 3.34 49.68 26.38
N LYS A 333 2.90 50.32 27.47
CA LYS A 333 2.27 49.58 28.56
C LYS A 333 1.02 48.84 28.08
N ARG A 334 0.36 49.35 27.06
CA ARG A 334 -0.81 48.69 26.48
C ARG A 334 -0.42 47.70 25.38
N VAL A 335 0.58 48.04 24.56
CA VAL A 335 0.98 47.19 23.45
C VAL A 335 1.57 45.89 23.97
N GLU A 336 2.34 45.96 25.05
CA GLU A 336 2.91 44.74 25.63
C GLU A 336 1.82 43.79 26.07
N LYS A 337 0.76 44.31 26.69
CA LYS A 337 -0.37 43.46 27.06
C LYS A 337 -1.06 42.93 25.81
N LEU A 338 -1.29 43.78 24.81
CA LEU A 338 -1.97 43.37 23.59
C LEU A 338 -1.20 42.29 22.83
N ASN A 339 0.10 42.15 23.07
CA ASN A 339 0.87 41.10 22.40
C ASN A 339 0.32 39.72 22.74
N SER A 340 -0.07 39.50 24.00
CA SER A 340 -0.63 38.21 24.39
C SER A 340 -1.94 37.93 23.65
N LEU A 341 -2.80 38.94 23.54
CA LEU A 341 -4.05 38.77 22.80
C LEU A 341 -3.78 38.49 21.32
N CYS A 342 -2.77 39.15 20.76
CA CYS A 342 -2.40 38.90 19.38
C CYS A 342 -1.92 37.47 19.17
N VAL A 343 -1.12 36.96 20.13
CA VAL A 343 -0.67 35.57 20.07
C VAL A 343 -1.86 34.62 20.16
N SER A 344 -2.79 34.90 21.08
CA SER A 344 -3.98 34.07 21.20
C SER A 344 -4.79 34.05 19.91
N LEU A 345 -4.91 35.20 19.25
CA LEU A 345 -5.58 35.25 17.96
C LEU A 345 -4.83 34.44 16.91
N ALA A 346 -3.50 34.56 16.88
CA ALA A 346 -2.71 33.85 15.89
C ALA A 346 -2.77 32.34 16.07
N TYR A 347 -3.06 31.87 17.28
CA TYR A 347 -3.23 30.42 17.48
C TYR A 347 -4.36 29.84 16.64
N ILE A 348 -5.42 30.63 16.42
CA ILE A 348 -6.60 30.12 15.72
C ILE A 348 -6.26 29.75 14.29
N ASN A 349 -5.28 30.42 13.68
CA ASN A 349 -4.91 30.08 12.31
C ASN A 349 -4.33 28.67 12.24
N CYS A 350 -3.35 28.37 13.09
CA CYS A 350 -2.82 27.01 13.14
C CYS A 350 -3.92 26.02 13.50
N CYS A 351 -4.87 26.44 14.34
CA CYS A 351 -5.96 25.55 14.71
C CYS A 351 -6.84 25.19 13.51
N VAL A 352 -7.14 26.16 12.64
CA VAL A 352 -8.15 25.96 11.60
C VAL A 352 -7.64 25.24 10.37
N ASN A 353 -6.32 25.03 10.23
CA ASN A 353 -5.83 24.29 9.06
C ASN A 353 -6.36 22.87 9.01
N PRO A 354 -6.35 22.08 10.10
CA PRO A 354 -7.02 20.77 10.04
C PRO A 354 -8.50 20.87 9.70
N ILE A 355 -9.18 21.91 10.17
CA ILE A 355 -10.59 22.09 9.85
C ILE A 355 -10.79 22.26 8.36
N ILE A 356 -9.96 23.09 7.73
CA ILE A 356 -10.06 23.29 6.29
C ILE A 356 -9.72 22.00 5.55
N TYR A 357 -8.70 21.28 6.02
CA TYR A 357 -8.32 20.04 5.36
C TYR A 357 -9.45 19.01 5.40
N VAL A 358 -10.12 18.88 6.55
CA VAL A 358 -11.17 17.89 6.66
C VAL A 358 -12.46 18.35 6.00
N MET A 359 -12.68 19.66 5.87
CA MET A 359 -13.88 20.15 5.23
C MET A 359 -13.72 20.32 3.72
N ALA A 360 -12.51 20.18 3.20
CA ALA A 360 -12.27 20.34 1.78
C ALA A 360 -11.86 19.05 1.08
N GLY A 361 -11.36 18.07 1.80
CA GLY A 361 -10.86 16.86 1.18
C GLY A 361 -11.96 16.05 0.49
N GLN A 362 -11.54 14.93 -0.09
CA GLN A 362 -12.44 14.08 -0.85
C GLN A 362 -13.26 13.17 0.08
N GLY A 363 -13.91 13.78 1.06
CA GLY A 363 -14.80 13.07 1.97
C GLY A 363 -14.21 12.88 3.35
N PHE A 364 -12.96 12.45 3.41
CA PHE A 364 -12.19 12.35 4.66
C PHE A 364 -12.87 11.44 5.69
N HIS A 365 -13.89 10.70 5.27
CA HIS A 365 -14.66 9.88 6.20
C HIS A 365 -14.12 8.45 6.29
N GLY A 366 -13.86 7.82 5.15
CA GLY A 366 -13.33 6.46 5.17
C GLY A 366 -11.97 6.38 5.81
N ARG A 367 -11.08 7.33 5.50
CA ARG A 367 -9.74 7.33 6.08
C ARG A 367 -9.79 7.58 7.59
N LEU A 368 -10.82 8.26 8.08
CA LEU A 368 -10.94 8.51 9.51
C LEU A 368 -11.22 7.24 10.30
N LEU A 369 -11.92 6.27 9.72
CA LEU A 369 -12.23 5.02 10.39
C LEU A 369 -11.45 3.83 9.88
N ARG A 370 -11.04 3.83 8.62
CA ARG A 370 -10.22 2.74 8.07
C ARG A 370 -8.74 3.00 8.35
N SER A 371 -8.43 3.15 9.64
CA SER A 371 -7.07 3.40 10.07
C SER A 371 -6.76 2.66 11.37
N LEU B 17 12.83 -14.85 19.14
CA LEU B 17 13.48 -13.88 18.28
C LEU B 17 13.62 -14.45 16.86
N SER B 18 14.10 -13.63 15.93
CA SER B 18 14.20 -14.03 14.54
C SER B 18 15.47 -14.81 14.28
N ALA B 19 15.32 -15.92 13.55
CA ALA B 19 16.45 -16.72 13.08
C ALA B 19 17.06 -16.10 11.84
N GLU B 20 17.84 -16.87 11.08
CA GLU B 20 18.42 -16.40 9.84
C GLU B 20 17.36 -15.98 8.82
N GLU B 21 16.08 -16.11 9.19
CA GLU B 21 14.97 -15.55 8.41
C GLU B 21 15.06 -14.04 8.27
N ARG B 22 16.01 -13.39 8.95
CA ARG B 22 16.25 -11.97 8.70
C ARG B 22 16.62 -11.74 7.25
N ALA B 23 17.25 -12.72 6.59
CA ALA B 23 17.53 -12.59 5.16
C ALA B 23 16.25 -12.64 4.34
N ALA B 24 15.28 -13.44 4.75
CA ALA B 24 13.97 -13.42 4.10
C ALA B 24 13.28 -12.08 4.29
N LEU B 25 13.39 -11.51 5.50
CA LEU B 25 12.86 -10.17 5.72
C LEU B 25 13.55 -9.14 4.84
N GLU B 26 14.87 -9.28 4.67
CA GLU B 26 15.60 -8.37 3.79
C GLU B 26 15.13 -8.50 2.35
N ARG B 27 14.89 -9.74 1.89
CA ARG B 27 14.34 -9.94 0.55
C ARG B 27 12.98 -9.29 0.42
N SER B 28 12.14 -9.41 1.46
CA SER B 28 10.83 -8.77 1.43
C SER B 28 10.94 -7.26 1.33
N LYS B 29 11.87 -6.66 2.08
CA LYS B 29 12.06 -5.23 2.00
C LYS B 29 12.59 -4.80 0.63
N ALA B 30 13.49 -5.59 0.05
CA ALA B 30 13.96 -5.28 -1.30
C ALA B 30 12.82 -5.35 -2.31
N ILE B 31 11.95 -6.35 -2.18
CA ILE B 31 10.78 -6.45 -3.04
C ILE B 31 9.87 -5.24 -2.85
N GLU B 32 9.69 -4.81 -1.60
CA GLU B 32 8.88 -3.62 -1.32
C GLU B 32 9.47 -2.39 -2.01
N LYS B 33 10.79 -2.22 -1.92
CA LYS B 33 11.44 -1.08 -2.56
C LYS B 33 11.26 -1.11 -4.08
N ASN B 34 11.46 -2.29 -4.67
CA ASN B 34 11.29 -2.40 -6.12
C ASN B 34 9.85 -2.13 -6.53
N LEU B 35 8.89 -2.64 -5.76
CA LEU B 35 7.48 -2.39 -6.06
C LEU B 35 7.14 -0.92 -5.94
N LYS B 36 7.66 -0.24 -4.91
CA LYS B 36 7.40 1.19 -4.75
C LYS B 36 7.97 1.98 -5.91
N GLU B 37 9.19 1.65 -6.32
CA GLU B 37 9.79 2.34 -7.47
C GLU B 37 8.98 2.10 -8.74
N ASP B 38 8.56 0.85 -8.97
CA ASP B 38 7.78 0.54 -10.16
C ASP B 38 6.44 1.25 -10.15
N GLY B 39 5.81 1.34 -8.99
CA GLY B 39 4.53 2.04 -8.91
C GLY B 39 4.68 3.53 -9.11
N ILE B 40 5.74 4.13 -8.56
CA ILE B 40 6.00 5.54 -8.80
C ILE B 40 6.23 5.79 -10.29
N SER B 41 6.95 4.88 -10.96
CA SER B 41 7.13 5.02 -12.40
C SER B 41 5.82 4.85 -13.15
N ALA B 42 4.95 3.97 -12.66
CA ALA B 42 3.69 3.69 -13.37
C ALA B 42 2.70 4.83 -13.22
N ALA B 43 2.66 5.46 -12.05
CA ALA B 43 1.73 6.57 -11.83
C ALA B 43 2.06 7.78 -12.70
N LYS B 44 3.27 7.85 -13.24
CA LYS B 44 3.64 8.94 -14.14
C LYS B 44 2.90 8.86 -15.46
N ASP B 45 2.35 7.69 -15.81
CA ASP B 45 1.67 7.50 -17.07
C ASP B 45 0.20 7.85 -16.95
N VAL B 46 -0.40 8.22 -18.09
CA VAL B 46 -1.81 8.55 -18.17
C VAL B 46 -2.54 7.39 -18.82
N LYS B 47 -3.56 6.87 -18.14
CA LYS B 47 -4.33 5.73 -18.60
C LYS B 47 -5.57 6.23 -19.34
N LEU B 48 -5.71 5.82 -20.60
CA LEU B 48 -6.83 6.21 -21.44
C LEU B 48 -7.54 4.96 -21.92
N LEU B 49 -8.87 4.94 -21.78
CA LEU B 49 -9.68 3.85 -22.30
C LEU B 49 -10.24 4.25 -23.67
N LEU B 50 -9.57 3.82 -24.73
CA LEU B 50 -10.06 4.06 -26.08
C LEU B 50 -11.26 3.17 -26.32
N LEU B 51 -12.28 3.72 -26.95
CA LEU B 51 -13.58 3.06 -26.96
C LEU B 51 -14.40 3.56 -28.13
N GLY B 52 -15.41 2.80 -28.49
CA GLY B 52 -16.28 3.16 -29.60
C GLY B 52 -16.85 1.94 -30.26
N ALA B 53 -17.53 2.17 -31.38
CA ALA B 53 -18.13 1.10 -32.16
C ALA B 53 -17.09 0.53 -33.13
N ASP B 54 -17.47 -0.54 -33.83
CA ASP B 54 -16.59 -1.13 -34.82
C ASP B 54 -16.38 -0.15 -35.97
N ASN B 55 -15.12 -0.04 -36.43
CA ASN B 55 -14.74 0.85 -37.52
C ASN B 55 -15.07 2.31 -37.21
N SER B 56 -15.19 2.64 -35.92
CA SER B 56 -15.50 4.01 -35.53
C SER B 56 -14.29 4.93 -35.67
N GLY B 57 -13.09 4.40 -35.52
CA GLY B 57 -11.90 5.21 -35.67
C GLY B 57 -10.85 4.97 -34.59
N LYS B 58 -11.09 3.98 -33.73
CA LYS B 58 -10.08 3.63 -32.72
C LYS B 58 -8.78 3.19 -33.37
N SER B 59 -8.88 2.38 -34.43
CA SER B 59 -7.68 1.94 -35.14
C SER B 59 -6.93 3.13 -35.74
N THR B 60 -7.67 4.09 -36.32
CA THR B 60 -7.02 5.28 -36.86
C THR B 60 -6.37 6.09 -35.74
N ILE B 61 -7.02 6.16 -34.58
CA ILE B 61 -6.48 6.93 -33.47
C ILE B 61 -5.17 6.32 -32.98
N VAL B 62 -5.13 4.99 -32.82
CA VAL B 62 -3.88 4.37 -32.40
C VAL B 62 -2.84 4.37 -33.50
N LYS B 63 -3.26 4.42 -34.78
CA LYS B 63 -2.30 4.60 -35.86
C LYS B 63 -1.66 5.97 -35.79
N GLN B 64 -2.43 6.99 -35.44
CA GLN B 64 -1.90 8.33 -35.27
C GLN B 64 -1.01 8.46 -34.04
N MET B 65 -0.98 7.46 -33.17
CA MET B 65 -0.02 7.44 -32.08
C MET B 65 1.40 7.21 -32.57
N LYS B 66 1.57 6.83 -33.84
CA LYS B 66 2.88 6.68 -34.47
C LYS B 66 3.73 5.63 -33.75
N ILE B 67 3.19 4.41 -33.71
CA ILE B 67 3.88 3.29 -33.09
C ILE B 67 3.51 2.00 -33.80
N GLY B 80 -7.72 -9.81 -28.04
CA GLY B 80 -8.11 -9.20 -26.77
C GLY B 80 -7.74 -7.74 -26.68
N ILE B 81 -7.33 -7.32 -25.49
CA ILE B 81 -6.97 -5.92 -25.27
C ILE B 81 -5.61 -5.64 -25.90
N VAL B 82 -5.50 -4.50 -26.58
CA VAL B 82 -4.23 -4.00 -27.10
C VAL B 82 -3.99 -2.64 -26.44
N GLU B 83 -2.94 -2.57 -25.62
CA GLU B 83 -2.63 -1.37 -24.85
C GLU B 83 -1.60 -0.54 -25.62
N THR B 84 -2.06 0.14 -26.65
CA THR B 84 -1.21 1.05 -27.41
C THR B 84 -0.73 2.18 -26.52
N HIS B 85 0.55 2.52 -26.66
CA HIS B 85 1.16 3.54 -25.82
C HIS B 85 1.95 4.52 -26.68
N PHE B 86 2.04 5.75 -26.20
CA PHE B 86 2.87 6.78 -26.83
C PHE B 86 3.12 7.88 -25.80
N THR B 87 4.16 8.65 -26.04
CA THR B 87 4.52 9.77 -25.17
C THR B 87 4.48 11.06 -25.96
N PHE B 88 4.00 12.12 -25.31
CA PHE B 88 3.81 13.39 -26.00
C PHE B 88 3.85 14.51 -24.97
N LYS B 89 4.76 15.46 -25.16
CA LYS B 89 4.90 16.64 -24.32
C LYS B 89 5.04 16.26 -22.85
N ASN B 90 6.06 15.43 -22.58
CA ASN B 90 6.46 15.02 -21.24
C ASN B 90 5.38 14.25 -20.50
N LEU B 91 4.43 13.65 -21.22
CA LEU B 91 3.43 12.76 -20.63
C LEU B 91 3.43 11.44 -21.39
N HIS B 92 3.18 10.36 -20.65
CA HIS B 92 3.21 9.01 -21.18
C HIS B 92 1.78 8.49 -21.25
N PHE B 93 1.24 8.40 -22.46
CA PHE B 93 -0.14 7.98 -22.69
C PHE B 93 -0.18 6.49 -23.01
N ARG B 94 -1.17 5.80 -22.42
CA ARG B 94 -1.42 4.40 -22.72
C ARG B 94 -2.88 4.24 -23.13
N LEU B 95 -3.09 3.92 -24.41
CA LEU B 95 -4.44 3.73 -24.97
C LEU B 95 -4.82 2.26 -24.81
N PHE B 96 -5.81 2.00 -23.97
CA PHE B 96 -6.30 0.64 -23.75
C PHE B 96 -7.48 0.40 -24.69
N ASP B 97 -7.17 -0.08 -25.89
CA ASP B 97 -8.20 -0.39 -26.89
C ASP B 97 -8.81 -1.74 -26.54
N VAL B 98 -10.09 -1.73 -26.18
CA VAL B 98 -10.80 -2.94 -25.81
C VAL B 98 -11.91 -3.26 -26.80
N GLY B 99 -11.84 -2.72 -28.01
CA GLY B 99 -12.87 -2.96 -29.01
C GLY B 99 -12.71 -4.23 -29.80
N GLY B 100 -11.60 -4.94 -29.64
CA GLY B 100 -11.37 -6.21 -30.30
C GLY B 100 -11.92 -7.41 -29.57
N GLN B 101 -12.64 -7.20 -28.48
CA GLN B 101 -13.17 -8.28 -27.65
C GLN B 101 -14.69 -8.33 -27.83
N ARG B 102 -15.19 -9.50 -28.24
CA ARG B 102 -16.63 -9.70 -28.43
C ARG B 102 -17.17 -10.45 -27.22
N SER B 103 -17.50 -9.69 -26.18
CA SER B 103 -18.01 -10.25 -24.94
C SER B 103 -18.88 -9.22 -24.23
N GLU B 104 -19.64 -9.69 -23.25
CA GLU B 104 -20.49 -8.80 -22.47
C GLU B 104 -19.65 -7.78 -21.73
N ARG B 105 -19.89 -6.50 -22.00
CA ARG B 105 -19.05 -5.44 -21.44
C ARG B 105 -19.32 -5.21 -19.96
N LYS B 106 -20.47 -5.65 -19.45
CA LYS B 106 -20.78 -5.43 -18.04
C LYS B 106 -19.88 -6.23 -17.11
N LYS B 107 -19.11 -7.19 -17.63
CA LYS B 107 -18.26 -8.03 -16.81
C LYS B 107 -16.80 -7.61 -16.83
N TRP B 108 -16.39 -6.76 -17.77
CA TRP B 108 -14.99 -6.34 -17.84
C TRP B 108 -14.79 -4.83 -17.99
N ILE B 109 -15.83 -4.03 -18.18
CA ILE B 109 -15.65 -2.59 -18.25
C ILE B 109 -15.21 -2.03 -16.90
N HIS B 110 -15.44 -2.77 -15.81
CA HIS B 110 -14.94 -2.36 -14.50
C HIS B 110 -13.44 -2.48 -14.39
N CYS B 111 -12.79 -3.22 -15.30
CA CYS B 111 -11.33 -3.29 -15.29
C CYS B 111 -10.71 -1.97 -15.68
N PHE B 112 -11.47 -1.09 -16.31
CA PHE B 112 -10.98 0.22 -16.74
C PHE B 112 -11.47 1.36 -15.87
N GLU B 113 -12.00 1.07 -14.68
CA GLU B 113 -12.31 2.14 -13.74
C GLU B 113 -11.01 2.75 -13.24
N ASP B 114 -11.08 4.03 -12.87
CA ASP B 114 -9.94 4.79 -12.36
C ASP B 114 -8.88 5.02 -13.44
N VAL B 115 -9.32 5.15 -14.69
CA VAL B 115 -8.46 5.64 -15.74
C VAL B 115 -8.59 7.16 -15.80
N THR B 116 -7.62 7.80 -16.48
CA THR B 116 -7.63 9.25 -16.56
C THR B 116 -8.84 9.75 -17.35
N ALA B 117 -9.15 9.10 -18.47
CA ALA B 117 -10.25 9.55 -19.31
C ALA B 117 -10.64 8.43 -20.27
N ILE B 118 -11.68 8.69 -21.06
CA ILE B 118 -12.16 7.79 -22.09
C ILE B 118 -12.08 8.52 -23.42
N ILE B 119 -11.58 7.83 -24.45
CA ILE B 119 -11.36 8.44 -25.75
C ILE B 119 -12.43 7.93 -26.72
N PHE B 120 -13.62 7.66 -26.19
CA PHE B 120 -14.76 7.19 -26.97
C PHE B 120 -14.91 7.97 -28.26
N CYS B 121 -15.04 7.25 -29.37
CA CYS B 121 -15.15 7.88 -30.68
C CYS B 121 -16.31 7.24 -31.44
N VAL B 122 -16.87 8.03 -32.37
CA VAL B 122 -17.99 7.58 -33.20
C VAL B 122 -17.68 7.93 -34.65
N ASP B 123 -18.43 7.32 -35.55
CA ASP B 123 -18.28 7.53 -36.99
C ASP B 123 -19.45 8.37 -37.49
N LEU B 124 -19.16 9.54 -38.03
CA LEU B 124 -20.22 10.39 -38.56
C LEU B 124 -20.78 9.84 -39.86
N SER B 125 -20.02 9.02 -40.57
CA SER B 125 -20.46 8.45 -41.84
C SER B 125 -21.24 7.15 -41.66
N ASP B 126 -21.87 6.94 -40.51
CA ASP B 126 -22.65 5.74 -40.27
C ASP B 126 -24.02 5.84 -40.94
N MET B 130 -25.35 4.20 -36.60
CA MET B 130 -25.22 5.39 -35.78
C MET B 130 -25.93 5.23 -34.44
N HIS B 131 -27.15 4.70 -34.47
CA HIS B 131 -27.91 4.51 -33.24
C HIS B 131 -27.20 3.57 -32.28
N GLU B 132 -26.42 2.61 -32.81
CA GLU B 132 -25.63 1.75 -31.94
C GLU B 132 -24.60 2.57 -31.17
N SER B 133 -23.98 3.55 -31.83
CA SER B 133 -23.01 4.41 -31.16
C SER B 133 -23.69 5.24 -30.07
N LEU B 134 -24.87 5.79 -30.37
CA LEU B 134 -25.59 6.57 -29.36
C LEU B 134 -25.99 5.71 -28.17
N MET B 135 -26.47 4.49 -28.42
CA MET B 135 -26.84 3.60 -27.32
C MET B 135 -25.61 3.23 -26.49
N LEU B 136 -24.49 2.95 -27.15
CA LEU B 136 -23.27 2.62 -26.42
C LEU B 136 -22.79 3.80 -25.59
N PHE B 137 -22.88 5.01 -26.15
CA PHE B 137 -22.45 6.20 -25.41
C PHE B 137 -23.38 6.48 -24.24
N ASP B 138 -24.67 6.22 -24.39
CA ASP B 138 -25.58 6.37 -23.26
C ASP B 138 -25.28 5.35 -22.17
N SER B 139 -24.96 4.12 -22.58
CA SER B 139 -24.67 3.07 -21.60
C SER B 139 -23.38 3.35 -20.83
N ILE B 140 -22.35 3.84 -21.53
CA ILE B 140 -21.03 3.97 -20.91
C ILE B 140 -20.84 5.35 -20.28
N CYS B 141 -21.33 6.40 -20.93
CA CYS B 141 -21.25 7.74 -20.36
C CYS B 141 -22.02 7.84 -19.04
N ASN B 142 -23.03 7.00 -18.85
CA ASN B 142 -23.80 6.96 -17.61
C ASN B 142 -23.59 5.67 -16.85
N ASN B 143 -22.50 4.95 -17.14
CA ASN B 143 -22.19 3.72 -16.42
C ASN B 143 -21.87 4.02 -14.96
N LYS B 144 -22.12 3.03 -14.10
CA LYS B 144 -21.90 3.19 -12.67
C LYS B 144 -20.43 3.34 -12.31
N PHE B 145 -19.51 3.03 -13.22
CA PHE B 145 -18.09 3.21 -12.97
C PHE B 145 -17.53 4.50 -13.59
N PHE B 146 -18.18 5.03 -14.62
CA PHE B 146 -17.71 6.22 -15.31
C PHE B 146 -18.60 7.44 -15.04
N ILE B 147 -19.31 7.45 -13.91
CA ILE B 147 -20.21 8.54 -13.61
C ILE B 147 -19.46 9.83 -13.29
N ASP B 148 -18.17 9.75 -12.98
CA ASP B 148 -17.36 10.92 -12.65
C ASP B 148 -16.04 10.90 -13.41
N THR B 149 -16.01 10.24 -14.56
CA THR B 149 -14.81 10.15 -15.38
C THR B 149 -15.04 10.91 -16.68
N SER B 150 -14.16 11.87 -16.96
CA SER B 150 -14.31 12.68 -18.15
C SER B 150 -14.19 11.83 -19.41
N ILE B 151 -14.97 12.19 -20.43
CA ILE B 151 -15.03 11.45 -21.68
C ILE B 151 -14.65 12.41 -22.80
N ILE B 152 -13.66 12.00 -23.60
CA ILE B 152 -13.21 12.82 -24.72
C ILE B 152 -13.87 12.24 -25.96
N LEU B 153 -15.04 12.78 -26.29
CA LEU B 153 -15.82 12.29 -27.41
C LEU B 153 -15.23 12.80 -28.73
N PHE B 154 -14.82 11.87 -29.58
CA PHE B 154 -14.25 12.19 -30.89
C PHE B 154 -15.25 11.83 -31.97
N LEU B 155 -15.84 12.84 -32.60
CA LEU B 155 -16.74 12.61 -33.72
C LEU B 155 -15.87 12.46 -34.96
N ASN B 156 -15.40 11.24 -35.18
CA ASN B 156 -14.44 10.97 -36.24
C ASN B 156 -15.11 11.02 -37.61
N LYS B 157 -14.28 10.99 -38.65
CA LYS B 157 -14.73 10.90 -40.04
C LYS B 157 -15.52 12.15 -40.46
N LYS B 158 -14.91 13.32 -40.28
CA LYS B 158 -15.56 14.57 -40.64
C LYS B 158 -15.54 14.79 -42.15
N ASP B 159 -14.45 14.40 -42.83
CA ASP B 159 -14.28 14.76 -44.23
C ASP B 159 -15.36 14.14 -45.11
N LEU B 160 -15.59 12.83 -44.98
CA LEU B 160 -16.57 12.16 -45.82
C LEU B 160 -17.99 12.29 -45.31
N PHE B 161 -18.18 12.57 -44.02
CA PHE B 161 -19.50 12.99 -43.56
C PHE B 161 -19.89 14.32 -44.18
N GLY B 162 -18.90 15.18 -44.47
CA GLY B 162 -19.19 16.39 -45.21
C GLY B 162 -19.76 16.16 -46.59
N GLU B 163 -19.51 14.98 -47.16
CA GLU B 163 -20.15 14.60 -48.41
C GLU B 163 -21.43 13.81 -48.19
N LYS B 164 -21.47 13.01 -47.13
CA LYS B 164 -22.67 12.22 -46.82
C LYS B 164 -23.85 13.12 -46.51
N ILE B 165 -23.62 14.24 -45.81
CA ILE B 165 -24.71 15.14 -45.46
C ILE B 165 -25.36 15.71 -46.72
N LYS B 166 -24.55 15.99 -47.75
CA LYS B 166 -25.10 16.48 -49.01
C LYS B 166 -25.78 15.36 -49.80
N LYS B 167 -25.15 14.19 -49.86
CA LYS B 167 -25.69 13.10 -50.65
C LYS B 167 -26.88 12.42 -49.96
N SER B 168 -26.81 12.27 -48.63
CA SER B 168 -27.87 11.60 -47.90
C SER B 168 -28.38 12.48 -46.77
N PRO B 169 -29.64 12.89 -46.80
CA PRO B 169 -30.17 13.75 -45.74
C PRO B 169 -30.06 13.09 -44.37
N LEU B 170 -29.73 13.89 -43.37
CA LEU B 170 -29.56 13.39 -42.01
C LEU B 170 -30.90 13.04 -41.36
N THR B 171 -32.01 13.51 -41.93
CA THR B 171 -33.32 13.22 -41.37
C THR B 171 -33.59 11.72 -41.28
N ILE B 172 -33.06 10.93 -42.23
CA ILE B 172 -33.21 9.49 -42.16
C ILE B 172 -32.45 8.90 -40.97
N CYS B 173 -31.31 9.49 -40.61
CA CYS B 173 -30.55 9.02 -39.46
C CYS B 173 -31.17 9.46 -38.15
N PHE B 174 -31.71 10.68 -38.11
CA PHE B 174 -32.40 11.23 -36.94
C PHE B 174 -33.77 11.72 -37.38
N PRO B 175 -34.82 10.90 -37.23
CA PRO B 175 -36.16 11.35 -37.63
C PRO B 175 -36.64 12.59 -36.87
N GLU B 176 -36.14 12.82 -35.67
CA GLU B 176 -36.54 13.97 -34.87
C GLU B 176 -35.77 15.23 -35.22
N TYR B 177 -34.84 15.16 -36.16
CA TYR B 177 -33.99 16.29 -36.50
C TYR B 177 -34.83 17.39 -37.15
N THR B 178 -35.08 18.45 -36.39
CA THR B 178 -35.80 19.62 -36.90
C THR B 178 -34.77 20.72 -37.18
N GLY B 179 -34.15 20.63 -38.34
CA GLY B 179 -33.13 21.57 -38.73
C GLY B 179 -32.75 21.45 -40.19
N PRO B 180 -31.92 22.37 -40.67
CA PRO B 180 -31.53 22.35 -42.09
C PRO B 180 -30.52 21.25 -42.37
N ASN B 181 -30.30 21.02 -43.66
CA ASN B 181 -29.35 20.01 -44.12
C ASN B 181 -27.96 20.58 -44.38
N THR B 182 -27.75 21.85 -44.02
CA THR B 182 -26.40 22.43 -44.05
C THR B 182 -25.49 21.68 -43.09
N TYR B 183 -24.18 21.82 -43.34
CA TYR B 183 -23.20 20.95 -42.68
C TYR B 183 -23.04 21.29 -41.20
N GLU B 184 -22.72 22.55 -40.90
CA GLU B 184 -22.34 22.92 -39.54
C GLU B 184 -23.48 22.64 -38.56
N ASP B 185 -24.71 22.96 -38.97
CA ASP B 185 -25.85 22.72 -38.08
C ASP B 185 -26.11 21.24 -37.89
N ALA B 186 -25.90 20.42 -38.92
CA ALA B 186 -26.04 18.98 -38.75
C ALA B 186 -25.01 18.44 -37.77
N ALA B 187 -23.76 18.90 -37.89
CA ALA B 187 -22.73 18.49 -36.94
C ALA B 187 -23.09 18.92 -35.53
N ALA B 188 -23.61 20.14 -35.37
CA ALA B 188 -24.02 20.62 -34.05
C ALA B 188 -25.18 19.80 -33.51
N TYR B 189 -26.11 19.39 -34.37
CA TYR B 189 -27.22 18.56 -33.91
C TYR B 189 -26.72 17.22 -33.41
N ILE B 190 -25.78 16.60 -34.13
CA ILE B 190 -25.20 15.35 -33.64
C ILE B 190 -24.48 15.57 -32.31
N GLN B 191 -23.76 16.70 -32.21
CA GLN B 191 -23.09 17.01 -30.95
C GLN B 191 -24.08 17.11 -29.80
N ALA B 192 -25.21 17.80 -30.03
CA ALA B 192 -26.21 17.95 -28.98
C ALA B 192 -26.82 16.61 -28.61
N GLN B 193 -27.12 15.77 -29.61
CA GLN B 193 -27.70 14.46 -29.32
C GLN B 193 -26.74 13.61 -28.49
N PHE B 194 -25.45 13.65 -28.81
CA PHE B 194 -24.49 12.90 -28.01
C PHE B 194 -24.32 13.49 -26.61
N GLU B 195 -24.25 14.81 -26.51
CA GLU B 195 -24.00 15.45 -25.22
C GLU B 195 -25.18 15.39 -24.28
N SER B 196 -26.39 15.19 -24.80
CA SER B 196 -27.57 15.13 -23.94
C SER B 196 -27.59 13.91 -23.02
N LYS B 197 -26.70 12.94 -23.23
CA LYS B 197 -26.77 11.69 -22.49
C LYS B 197 -26.26 11.82 -21.05
N ASN B 198 -25.53 12.90 -20.74
CA ASN B 198 -25.01 13.05 -19.38
C ASN B 198 -26.15 13.27 -18.39
N ARG B 199 -26.06 12.60 -17.24
CA ARG B 199 -27.09 12.67 -16.21
C ARG B 199 -26.59 13.29 -14.91
N SER B 200 -25.32 13.65 -14.82
CA SER B 200 -24.76 14.19 -13.59
C SER B 200 -24.03 15.48 -13.86
N PRO B 201 -23.98 16.40 -12.89
CA PRO B 201 -23.29 17.68 -13.07
C PRO B 201 -21.81 17.66 -12.67
N ASN B 202 -21.24 16.50 -12.35
CA ASN B 202 -19.86 16.41 -11.89
C ASN B 202 -18.93 15.78 -12.93
N LYS B 203 -19.31 15.81 -14.20
CA LYS B 203 -18.47 15.27 -15.26
C LYS B 203 -18.62 16.14 -16.50
N GLU B 204 -17.58 16.12 -17.33
CA GLU B 204 -17.52 16.94 -18.53
C GLU B 204 -17.24 16.07 -19.74
N ILE B 205 -17.69 16.55 -20.90
CA ILE B 205 -17.54 15.84 -22.17
C ILE B 205 -16.85 16.77 -23.15
N TYR B 206 -15.69 16.35 -23.66
CA TYR B 206 -14.88 17.18 -24.54
C TYR B 206 -15.07 16.68 -25.98
N CYS B 207 -16.04 17.26 -26.66
CA CYS B 207 -16.35 16.88 -28.02
C CYS B 207 -15.35 17.50 -29.00
N HIS B 208 -14.93 16.72 -29.99
CA HIS B 208 -14.00 17.20 -31.00
C HIS B 208 -14.21 16.41 -32.28
N MET B 209 -13.72 16.96 -33.38
CA MET B 209 -13.85 16.35 -34.70
C MET B 209 -12.47 15.98 -35.23
N THR B 210 -12.31 14.71 -35.59
CA THR B 210 -11.00 14.18 -35.95
C THR B 210 -10.56 14.60 -37.35
N CYS B 211 -11.52 14.96 -38.20
CA CYS B 211 -11.34 15.44 -39.58
C CYS B 211 -10.51 14.49 -40.45
N ALA B 212 -10.38 13.22 -40.06
CA ALA B 212 -9.79 12.18 -40.89
C ALA B 212 -8.32 12.45 -41.20
N THR B 213 -7.77 13.55 -40.70
CA THR B 213 -6.37 13.88 -40.85
C THR B 213 -5.60 13.89 -39.55
N ASP B 214 -6.26 14.25 -38.45
CA ASP B 214 -5.71 14.15 -37.09
C ASP B 214 -4.49 15.06 -37.00
N THR B 215 -3.35 14.58 -36.48
CA THR B 215 -2.13 15.35 -36.28
C THR B 215 -2.33 16.43 -35.22
N ASN B 216 -3.51 16.48 -34.62
CA ASN B 216 -3.81 17.41 -33.53
C ASN B 216 -4.59 16.77 -32.40
N ASN B 217 -5.12 15.56 -32.58
CA ASN B 217 -5.83 14.89 -31.50
C ASN B 217 -4.92 14.65 -30.31
N ALA B 218 -3.61 14.57 -30.53
CA ALA B 218 -2.67 14.49 -29.43
C ALA B 218 -2.79 15.71 -28.53
N GLN B 219 -2.87 16.90 -29.14
CA GLN B 219 -2.99 18.12 -28.35
C GLN B 219 -4.33 18.20 -27.62
N VAL B 220 -5.41 17.78 -28.28
CA VAL B 220 -6.73 17.80 -27.64
C VAL B 220 -6.74 16.87 -26.45
N ILE B 221 -6.24 15.64 -26.64
CA ILE B 221 -6.16 14.69 -25.54
C ILE B 221 -5.26 15.22 -24.44
N PHE B 222 -4.17 15.90 -24.81
CA PHE B 222 -3.26 16.44 -23.82
C PHE B 222 -3.93 17.50 -22.97
N ASP B 223 -4.67 18.42 -23.60
CA ASP B 223 -5.39 19.44 -22.84
C ASP B 223 -6.44 18.82 -21.93
N ALA B 224 -7.19 17.84 -22.45
CA ALA B 224 -8.22 17.19 -21.64
C ALA B 224 -7.61 16.49 -20.43
N VAL B 225 -6.54 15.71 -20.64
CA VAL B 225 -5.94 14.98 -19.54
C VAL B 225 -5.21 15.94 -18.60
N THR B 226 -4.70 17.07 -19.10
CA THR B 226 -4.12 18.07 -18.23
C THR B 226 -5.18 18.63 -17.28
N ASP B 227 -6.34 18.97 -17.82
CA ASP B 227 -7.43 19.42 -16.96
C ASP B 227 -7.83 18.33 -15.96
N ILE B 228 -7.86 17.08 -16.41
CA ILE B 228 -8.27 15.99 -15.54
C ILE B 228 -7.27 15.77 -14.40
N ILE B 229 -5.97 15.78 -14.72
CA ILE B 229 -4.96 15.56 -13.68
C ILE B 229 -4.90 16.76 -12.74
N ILE B 230 -5.09 17.98 -13.26
CA ILE B 230 -5.15 19.13 -12.38
C ILE B 230 -6.35 19.02 -11.44
N ALA B 231 -7.50 18.58 -11.97
CA ALA B 231 -8.68 18.40 -11.13
C ALA B 231 -8.44 17.34 -10.06
N ASN B 232 -7.77 16.24 -10.43
CA ASN B 232 -7.49 15.19 -9.46
C ASN B 232 -6.51 15.68 -8.40
N ASN B 233 -5.52 16.49 -8.80
CA ASN B 233 -4.61 17.09 -7.83
C ASN B 233 -5.36 18.01 -6.88
N LEU B 234 -6.30 18.80 -7.41
CA LEU B 234 -7.12 19.67 -6.57
C LEU B 234 -7.94 18.85 -5.59
N ARG B 235 -8.52 17.74 -6.07
CA ARG B 235 -9.33 16.88 -5.20
C ARG B 235 -8.47 16.27 -4.10
N GLY B 236 -7.26 15.83 -4.43
CA GLY B 236 -6.36 15.33 -3.41
C GLY B 236 -5.98 16.41 -2.42
N CYS B 237 -5.84 17.64 -2.89
CA CYS B 237 -5.55 18.78 -2.02
C CYS B 237 -6.81 19.45 -1.49
N GLY B 238 -7.98 18.98 -1.88
CA GLY B 238 -9.23 19.55 -1.40
C GLY B 238 -9.70 20.79 -2.14
N LEU B 239 -9.13 21.08 -3.30
CA LEU B 239 -9.49 22.27 -4.06
C LEU B 239 -10.57 22.01 -5.11
N TYR B 240 -11.09 20.79 -5.20
CA TYR B 240 -12.13 20.45 -6.16
C TYR B 240 -12.83 19.17 -5.73
N GLN C 16 -40.93 -28.84 -35.49
CA GLN C 16 -40.89 -30.16 -34.87
C GLN C 16 -39.70 -30.27 -33.91
N LEU C 17 -38.50 -30.02 -34.42
CA LEU C 17 -37.30 -30.10 -33.60
C LEU C 17 -37.34 -29.12 -32.43
N ARG C 18 -37.88 -27.92 -32.64
CA ARG C 18 -38.10 -27.01 -31.51
C ARG C 18 -39.11 -27.60 -30.54
N GLN C 19 -40.17 -28.24 -31.07
CA GLN C 19 -41.12 -28.93 -30.21
C GLN C 19 -40.48 -30.10 -29.48
N GLU C 20 -39.56 -30.82 -30.14
CA GLU C 20 -38.85 -31.90 -29.47
C GLU C 20 -38.00 -31.35 -28.32
N ALA C 21 -37.31 -30.23 -28.54
CA ALA C 21 -36.53 -29.62 -27.48
C ALA C 21 -37.42 -29.18 -26.32
N GLU C 22 -38.57 -28.58 -26.63
CA GLU C 22 -39.49 -28.15 -25.58
C GLU C 22 -40.01 -29.34 -24.80
N GLN C 23 -40.35 -30.43 -25.48
CA GLN C 23 -40.83 -31.63 -24.81
C GLN C 23 -39.76 -32.22 -23.91
N LEU C 24 -38.51 -32.26 -24.40
CA LEU C 24 -37.41 -32.77 -23.58
C LEU C 24 -37.20 -31.92 -22.34
N LYS C 25 -37.25 -30.60 -22.50
CA LYS C 25 -37.13 -29.71 -21.34
C LYS C 25 -38.26 -29.94 -20.36
N ASN C 26 -39.49 -30.10 -20.87
CA ASN C 26 -40.64 -30.31 -19.99
C ASN C 26 -40.52 -31.62 -19.22
N GLN C 27 -40.09 -32.70 -19.89
CA GLN C 27 -39.97 -33.96 -19.16
C GLN C 27 -38.78 -33.96 -18.21
N ILE C 28 -37.70 -33.23 -18.53
CA ILE C 28 -36.63 -33.05 -17.57
C ILE C 28 -37.15 -32.34 -16.33
N ARG C 29 -37.93 -31.28 -16.52
CA ARG C 29 -38.49 -30.55 -15.38
C ARG C 29 -39.44 -31.42 -14.58
N ASP C 30 -40.24 -32.25 -15.27
CA ASP C 30 -41.16 -33.14 -14.57
C ASP C 30 -40.40 -34.18 -13.73
N ALA C 31 -39.34 -34.75 -14.29
CA ALA C 31 -38.52 -35.69 -13.53
C ALA C 31 -37.85 -35.00 -12.34
N ARG C 32 -37.40 -33.76 -12.54
CA ARG C 32 -36.79 -33.01 -11.45
C ARG C 32 -37.80 -32.76 -10.33
N LYS C 33 -39.04 -32.41 -10.70
CA LYS C 33 -40.08 -32.21 -9.70
C LYS C 33 -40.39 -33.52 -8.97
N ALA C 34 -40.41 -34.63 -9.70
CA ALA C 34 -40.65 -35.92 -9.07
C ALA C 34 -39.55 -36.26 -8.08
N CYS C 35 -38.29 -35.97 -8.43
CA CYS C 35 -37.16 -36.22 -7.55
C CYS C 35 -37.11 -35.27 -6.37
N ALA C 36 -37.80 -34.13 -6.44
CA ALA C 36 -37.78 -33.15 -5.36
C ALA C 36 -38.84 -33.47 -4.31
N ASP C 37 -38.60 -34.57 -3.58
CA ASP C 37 -39.53 -34.97 -2.53
C ASP C 37 -39.46 -34.08 -1.30
N ALA C 38 -38.40 -33.30 -1.16
CA ALA C 38 -38.26 -32.40 -0.02
C ALA C 38 -37.20 -31.35 -0.36
N THR C 39 -37.14 -30.32 0.48
CA THR C 39 -36.13 -29.28 0.36
C THR C 39 -35.29 -29.25 1.64
N LEU C 40 -34.09 -28.68 1.51
CA LEU C 40 -33.16 -28.67 2.65
C LEU C 40 -33.71 -27.88 3.82
N SER C 41 -34.57 -26.90 3.56
CA SER C 41 -35.11 -26.07 4.63
C SER C 41 -35.92 -26.89 5.63
N GLN C 42 -36.71 -27.85 5.15
CA GLN C 42 -37.54 -28.64 6.04
C GLN C 42 -36.80 -29.83 6.65
N ILE C 43 -35.60 -30.15 6.17
CA ILE C 43 -34.83 -31.23 6.78
C ILE C 43 -33.79 -30.69 7.75
N THR C 44 -33.37 -29.42 7.61
CA THR C 44 -32.44 -28.80 8.53
C THR C 44 -33.13 -28.17 9.74
N ASN C 45 -34.37 -28.58 10.03
CA ASN C 45 -35.09 -28.02 11.16
C ASN C 45 -34.50 -28.43 12.51
N ASN C 46 -33.65 -29.44 12.54
CA ASN C 46 -33.07 -29.94 13.79
C ASN C 46 -31.57 -29.66 13.90
N ILE C 47 -30.98 -28.95 12.96
CA ILE C 47 -29.55 -28.67 12.99
C ILE C 47 -29.29 -27.41 13.79
N ASP C 48 -28.36 -27.50 14.74
CA ASP C 48 -27.95 -26.33 15.50
C ASP C 48 -27.16 -25.39 14.60
N PRO C 49 -27.56 -24.12 14.48
CA PRO C 49 -26.84 -23.21 13.58
C PRO C 49 -25.45 -22.88 14.11
N VAL C 50 -24.61 -22.38 13.20
CA VAL C 50 -23.23 -22.03 13.56
C VAL C 50 -23.15 -20.81 14.47
N GLY C 51 -24.29 -20.17 14.78
CA GLY C 51 -24.27 -19.01 15.64
C GLY C 51 -23.72 -17.80 14.94
N ARG C 52 -23.33 -16.80 15.75
CA ARG C 52 -22.74 -15.58 15.23
C ARG C 52 -21.24 -15.78 15.06
N ILE C 53 -20.76 -15.71 13.83
CA ILE C 53 -19.34 -15.89 13.54
C ILE C 53 -18.65 -14.53 13.67
N GLN C 54 -17.77 -14.42 14.66
CA GLN C 54 -16.98 -13.21 14.88
C GLN C 54 -15.56 -13.49 14.41
N MET C 55 -15.15 -12.84 13.32
CA MET C 55 -13.85 -13.05 12.73
C MET C 55 -13.10 -11.71 12.65
N ARG C 56 -11.78 -11.78 12.78
CA ARG C 56 -10.94 -10.60 12.78
C ARG C 56 -9.77 -10.82 11.85
N THR C 57 -9.28 -9.73 11.27
CA THR C 57 -8.13 -9.81 10.38
C THR C 57 -6.88 -10.18 11.18
N ARG C 58 -6.14 -11.18 10.70
CA ARG C 58 -4.92 -11.63 11.35
C ARG C 58 -3.67 -11.21 10.62
N ARG C 59 -3.76 -10.99 9.31
CA ARG C 59 -2.66 -10.47 8.52
C ARG C 59 -3.22 -9.49 7.51
N THR C 60 -2.35 -8.59 7.05
CA THR C 60 -2.70 -7.63 6.01
C THR C 60 -1.53 -7.52 5.05
N LEU C 61 -1.80 -7.75 3.77
CA LEU C 61 -0.77 -7.73 2.73
C LEU C 61 -0.97 -6.45 1.94
N ARG C 62 -0.15 -5.44 2.22
CA ARG C 62 -0.34 -4.09 1.70
C ARG C 62 0.79 -3.68 0.75
N GLY C 63 1.20 -4.61 -0.11
CA GLY C 63 2.23 -4.29 -1.08
C GLY C 63 1.66 -3.91 -2.43
N HIS C 64 0.37 -4.17 -2.64
CA HIS C 64 -0.25 -3.90 -3.92
C HIS C 64 -0.55 -2.41 -4.07
N LEU C 65 -0.71 -1.97 -5.32
CA LEU C 65 -0.84 -0.56 -5.65
C LEU C 65 -2.13 -0.22 -6.40
N ALA C 66 -2.92 -1.22 -6.80
CA ALA C 66 -4.15 -0.96 -7.53
C ALA C 66 -5.14 -2.06 -7.18
N LYS C 67 -6.21 -2.16 -7.96
CA LYS C 67 -7.27 -3.13 -7.69
C LYS C 67 -6.72 -4.55 -7.75
N ILE C 68 -7.19 -5.40 -6.83
CA ILE C 68 -6.85 -6.82 -6.81
C ILE C 68 -8.08 -7.61 -7.21
N TYR C 69 -7.95 -8.42 -8.27
CA TYR C 69 -9.06 -9.19 -8.79
C TYR C 69 -9.04 -10.65 -8.39
N ALA C 70 -7.87 -11.25 -8.21
CA ALA C 70 -7.79 -12.69 -7.97
C ALA C 70 -6.78 -12.99 -6.87
N MET C 71 -7.01 -14.09 -6.17
CA MET C 71 -6.05 -14.65 -5.25
C MET C 71 -6.23 -16.16 -5.25
N HIS C 72 -5.23 -16.87 -4.72
CA HIS C 72 -5.35 -18.32 -4.55
C HIS C 72 -4.35 -18.76 -3.49
N TRP C 73 -4.85 -19.46 -2.47
CA TRP C 73 -3.96 -20.02 -1.47
C TRP C 73 -3.11 -21.13 -2.07
N GLY C 74 -2.26 -21.70 -1.21
CA GLY C 74 -1.46 -22.85 -1.58
C GLY C 74 -1.86 -24.09 -0.81
N THR C 75 -1.61 -25.25 -1.41
CA THR C 75 -1.89 -26.51 -0.73
C THR C 75 -1.05 -26.69 0.52
N ASP C 76 0.12 -26.05 0.58
CA ASP C 76 0.89 -26.00 1.82
C ASP C 76 0.24 -25.11 2.87
N SER C 77 -0.79 -24.36 2.50
CA SER C 77 -1.54 -23.49 3.41
C SER C 77 -0.69 -22.35 3.96
N ARG C 78 0.35 -21.96 3.26
CA ARG C 78 1.24 -20.91 3.75
C ARG C 78 1.48 -19.81 2.73
N LEU C 79 1.54 -20.13 1.44
CA LEU C 79 1.87 -19.15 0.41
C LEU C 79 0.65 -18.86 -0.46
N LEU C 80 0.51 -17.60 -0.86
CA LEU C 80 -0.60 -17.14 -1.68
C LEU C 80 -0.07 -16.60 -3.00
N VAL C 81 -0.98 -16.39 -3.94
CA VAL C 81 -0.70 -15.69 -5.18
C VAL C 81 -1.81 -14.67 -5.41
N SER C 82 -1.41 -13.44 -5.73
CA SER C 82 -2.38 -12.36 -5.89
C SER C 82 -2.18 -11.70 -7.24
N ALA C 83 -3.28 -11.46 -7.94
CA ALA C 83 -3.29 -10.77 -9.22
C ALA C 83 -3.95 -9.41 -9.07
N SER C 84 -3.29 -8.38 -9.58
CA SER C 84 -3.74 -7.02 -9.35
C SER C 84 -3.53 -6.18 -10.61
N GLN C 85 -4.21 -5.03 -10.64
CA GLN C 85 -4.08 -4.10 -11.75
C GLN C 85 -2.69 -3.49 -11.84
N ASP C 86 -1.89 -3.60 -10.77
CA ASP C 86 -0.54 -3.04 -10.80
C ASP C 86 0.38 -3.79 -11.75
N GLY C 87 -0.04 -4.94 -12.26
CA GLY C 87 0.80 -5.74 -13.12
C GLY C 87 1.80 -6.61 -12.39
N LYS C 88 1.61 -6.83 -11.10
CA LYS C 88 2.52 -7.64 -10.29
C LYS C 88 1.77 -8.83 -9.73
N LEU C 89 2.30 -10.02 -9.95
CA LEU C 89 1.76 -11.26 -9.39
C LEU C 89 2.74 -11.70 -8.31
N ILE C 90 2.47 -11.29 -7.07
CA ILE C 90 3.42 -11.45 -5.97
C ILE C 90 2.94 -12.58 -5.07
N ILE C 91 3.85 -13.54 -4.81
CA ILE C 91 3.58 -14.63 -3.89
C ILE C 91 3.87 -14.17 -2.48
N TRP C 92 2.90 -14.32 -1.59
CA TRP C 92 2.97 -13.80 -0.24
C TRP C 92 3.29 -14.91 0.75
N ASP C 93 3.92 -14.55 1.85
CA ASP C 93 4.12 -15.45 2.98
C ASP C 93 3.06 -15.10 4.01
N SER C 94 2.00 -15.91 4.08
CA SER C 94 0.83 -15.57 4.88
C SER C 94 1.13 -15.51 6.37
N TYR C 95 2.25 -16.06 6.84
CA TYR C 95 2.54 -16.06 8.26
C TYR C 95 3.47 -14.91 8.63
N THR C 96 4.42 -14.58 7.75
CA THR C 96 5.43 -13.58 8.03
C THR C 96 5.19 -12.27 7.29
N THR C 97 4.31 -12.28 6.29
CA THR C 97 3.90 -11.14 5.45
C THR C 97 5.00 -10.85 4.43
N ASN C 98 6.06 -11.64 4.38
CA ASN C 98 7.11 -11.42 3.39
C ASN C 98 6.57 -11.66 1.98
N LYS C 99 7.07 -10.87 1.03
CA LYS C 99 6.77 -11.08 -0.38
C LYS C 99 7.91 -11.92 -0.96
N VAL C 100 7.73 -13.24 -0.90
CA VAL C 100 8.81 -14.15 -1.26
C VAL C 100 9.10 -14.10 -2.76
N HIS C 101 8.15 -13.63 -3.56
CA HIS C 101 8.36 -13.51 -5.00
C HIS C 101 7.53 -12.35 -5.54
N ALA C 102 7.94 -11.86 -6.70
CA ALA C 102 7.26 -10.73 -7.35
C ALA C 102 7.43 -10.88 -8.85
N ILE C 103 6.34 -11.16 -9.55
CA ILE C 103 6.35 -11.44 -10.98
C ILE C 103 5.76 -10.24 -11.71
N PRO C 104 6.51 -9.58 -12.60
CA PRO C 104 5.90 -8.56 -13.46
C PRO C 104 5.13 -9.21 -14.60
N LEU C 105 3.89 -8.79 -14.78
CA LEU C 105 3.03 -9.37 -15.81
C LEU C 105 3.32 -8.77 -17.17
N ARG C 106 3.10 -9.58 -18.21
CA ARG C 106 3.14 -9.07 -19.57
C ARG C 106 1.94 -8.19 -19.87
N SER C 107 0.85 -8.37 -19.12
CA SER C 107 -0.34 -7.54 -19.23
C SER C 107 -0.99 -7.43 -17.86
N SER C 108 -1.30 -6.21 -17.47
CA SER C 108 -1.79 -5.92 -16.13
C SER C 108 -3.29 -6.16 -15.97
N TRP C 109 -3.97 -6.56 -17.03
CA TRP C 109 -5.41 -6.80 -17.01
C TRP C 109 -5.72 -8.24 -16.61
N VAL C 110 -5.53 -8.55 -15.33
CA VAL C 110 -5.60 -9.92 -14.84
C VAL C 110 -6.77 -10.05 -13.87
N MET C 111 -7.61 -11.06 -14.08
CA MET C 111 -8.75 -11.33 -13.21
C MET C 111 -8.67 -12.70 -12.55
N THR C 112 -7.75 -13.56 -12.97
CA THR C 112 -7.64 -14.90 -12.42
C THR C 112 -6.18 -15.19 -12.09
N CYS C 113 -6.00 -16.06 -11.09
CA CYS C 113 -4.69 -16.60 -10.79
C CYS C 113 -4.87 -17.97 -10.13
N ALA C 114 -3.85 -18.81 -10.24
CA ALA C 114 -3.91 -20.15 -9.68
C ALA C 114 -2.55 -20.53 -9.10
N TYR C 115 -2.58 -21.30 -8.02
CA TYR C 115 -1.39 -21.84 -7.39
C TYR C 115 -1.41 -23.34 -7.56
N ALA C 116 -0.35 -23.90 -8.14
CA ALA C 116 -0.30 -25.32 -8.42
C ALA C 116 -0.38 -26.12 -7.12
N PRO C 117 -1.01 -27.30 -7.15
CA PRO C 117 -1.13 -28.09 -5.91
C PRO C 117 0.20 -28.49 -5.32
N SER C 118 1.22 -28.71 -6.15
CA SER C 118 2.57 -28.97 -5.66
C SER C 118 3.28 -27.72 -5.18
N GLY C 119 2.83 -26.54 -5.60
CA GLY C 119 3.51 -25.31 -5.31
C GLY C 119 4.63 -24.96 -6.25
N ASN C 120 4.94 -25.82 -7.22
CA ASN C 120 6.03 -25.57 -8.14
C ASN C 120 5.67 -24.56 -9.22
N TYR C 121 4.39 -24.42 -9.56
CA TYR C 121 3.96 -23.55 -10.64
C TYR C 121 2.90 -22.58 -10.14
N VAL C 122 2.61 -21.59 -10.97
CA VAL C 122 1.58 -20.59 -10.69
C VAL C 122 1.03 -20.09 -12.02
N ALA C 123 -0.29 -19.89 -12.06
CA ALA C 123 -0.97 -19.46 -13.27
C ALA C 123 -1.67 -18.13 -13.03
N CYS C 124 -1.78 -17.35 -14.09
CA CYS C 124 -2.47 -16.07 -14.05
C CYS C 124 -2.90 -15.70 -15.47
N GLY C 125 -3.97 -14.92 -15.56
CA GLY C 125 -4.48 -14.52 -16.86
C GLY C 125 -5.56 -13.49 -16.71
N GLY C 126 -6.02 -12.98 -17.86
CA GLY C 126 -7.04 -11.95 -17.88
C GLY C 126 -7.50 -11.58 -19.27
N LEU C 127 -7.62 -10.27 -19.53
CA LEU C 127 -8.13 -9.77 -20.80
C LEU C 127 -7.22 -10.07 -21.97
N ASP C 128 -6.03 -10.62 -21.76
CA ASP C 128 -5.09 -10.90 -22.83
C ASP C 128 -5.37 -12.24 -23.53
N ASN C 129 -6.41 -12.96 -23.10
CA ASN C 129 -6.83 -14.22 -23.70
C ASN C 129 -5.77 -15.32 -23.54
N ILE C 130 -4.81 -15.10 -22.64
CA ILE C 130 -3.70 -16.03 -22.47
C ILE C 130 -3.56 -16.36 -20.99
N CYS C 131 -3.44 -17.65 -20.69
CA CYS C 131 -3.13 -18.11 -19.35
C CYS C 131 -1.63 -18.34 -19.26
N SER C 132 -0.97 -17.59 -18.39
CA SER C 132 0.49 -17.66 -18.25
C SER C 132 0.84 -18.62 -17.11
N ILE C 133 1.70 -19.58 -17.40
CA ILE C 133 2.18 -20.55 -16.42
C ILE C 133 3.60 -20.17 -16.04
N TYR C 134 3.81 -19.80 -14.79
CA TYR C 134 5.10 -19.34 -14.30
C TYR C 134 5.73 -20.41 -13.44
N ASN C 135 7.00 -20.71 -13.70
CA ASN C 135 7.74 -21.72 -12.96
C ASN C 135 8.37 -21.07 -11.74
N LEU C 136 8.03 -21.58 -10.55
CA LEU C 136 8.57 -21.03 -9.31
C LEU C 136 9.90 -21.66 -8.92
N LYS C 137 9.97 -22.99 -8.86
CA LYS C 137 11.18 -23.69 -8.45
C LYS C 137 12.21 -23.69 -9.59
N THR C 138 12.60 -22.50 -9.99
CA THR C 138 13.56 -22.33 -11.08
C THR C 138 14.97 -22.54 -10.57
N ARG C 139 15.79 -23.21 -11.37
CA ARG C 139 17.20 -23.40 -11.02
C ARG C 139 17.95 -22.07 -10.96
N GLU C 140 17.51 -21.09 -11.75
CA GLU C 140 18.19 -19.81 -11.83
C GLU C 140 17.84 -18.84 -10.71
N GLY C 141 16.77 -19.10 -9.96
CA GLY C 141 16.42 -18.31 -8.81
C GLY C 141 15.33 -17.28 -9.03
N ASN C 142 14.98 -17.00 -10.28
CA ASN C 142 13.94 -16.03 -10.59
C ASN C 142 12.74 -16.73 -11.22
N VAL C 143 11.55 -16.19 -10.94
CA VAL C 143 10.33 -16.76 -11.49
C VAL C 143 10.31 -16.55 -12.99
N ARG C 144 10.03 -17.62 -13.74
CA ARG C 144 10.08 -17.60 -15.18
C ARG C 144 8.80 -18.20 -15.74
N VAL C 145 8.31 -17.62 -16.84
CA VAL C 145 7.15 -18.19 -17.51
C VAL C 145 7.55 -19.48 -18.21
N SER C 146 6.79 -20.55 -17.97
CA SER C 146 7.09 -21.83 -18.59
C SER C 146 6.48 -21.94 -19.98
N ARG C 147 5.22 -21.55 -20.13
CA ARG C 147 4.56 -21.58 -21.43
C ARG C 147 3.32 -20.71 -21.37
N GLU C 148 2.91 -20.20 -22.53
CA GLU C 148 1.72 -19.37 -22.66
C GLU C 148 0.59 -20.20 -23.26
N LEU C 149 -0.55 -20.22 -22.57
CA LEU C 149 -1.72 -20.97 -23.02
C LEU C 149 -2.60 -20.04 -23.86
N ALA C 150 -2.64 -20.30 -25.16
CA ALA C 150 -3.40 -19.48 -26.10
C ALA C 150 -4.39 -20.35 -26.87
N GLY C 151 -5.46 -19.71 -27.32
CA GLY C 151 -6.48 -20.40 -28.10
C GLY C 151 -7.88 -19.93 -27.81
N HIS C 152 -8.08 -19.30 -26.65
CA HIS C 152 -9.38 -18.74 -26.32
C HIS C 152 -9.66 -17.50 -27.17
N THR C 153 -10.90 -17.37 -27.63
CA THR C 153 -11.35 -16.18 -28.32
C THR C 153 -11.97 -15.16 -27.37
N GLY C 154 -12.11 -15.49 -26.09
CA GLY C 154 -12.64 -14.58 -25.11
C GLY C 154 -11.67 -14.44 -23.95
N TYR C 155 -11.94 -13.45 -23.10
CA TYR C 155 -11.03 -13.15 -22.01
C TYR C 155 -11.05 -14.26 -20.96
N LEU C 156 -9.88 -14.48 -20.36
CA LEU C 156 -9.72 -15.55 -19.38
C LEU C 156 -10.31 -15.12 -18.04
N SER C 157 -11.19 -15.94 -17.48
CA SER C 157 -11.90 -15.60 -16.26
C SER C 157 -11.45 -16.38 -15.04
N CYS C 158 -11.19 -17.68 -15.17
CA CYS C 158 -10.72 -18.47 -14.05
C CYS C 158 -9.95 -19.68 -14.57
N CYS C 159 -9.06 -20.18 -13.73
CA CYS C 159 -8.24 -21.34 -14.08
C CYS C 159 -7.76 -22.02 -12.82
N ARG C 160 -7.89 -23.35 -12.76
CA ARG C 160 -7.43 -24.16 -11.64
C ARG C 160 -6.61 -25.33 -12.16
N PHE C 161 -5.58 -25.69 -11.41
CA PHE C 161 -4.70 -26.79 -11.78
C PHE C 161 -5.29 -28.13 -11.36
N LEU C 162 -5.25 -29.09 -12.29
CA LEU C 162 -5.45 -30.50 -11.92
C LEU C 162 -4.20 -31.04 -11.23
N ASP C 163 -3.04 -30.85 -11.86
CA ASP C 163 -1.75 -31.27 -11.33
C ASP C 163 -0.69 -30.31 -11.86
N ASP C 164 0.57 -30.74 -11.81
CA ASP C 164 1.66 -29.94 -12.33
C ASP C 164 1.68 -29.86 -13.85
N ASN C 165 0.80 -30.58 -14.55
CA ASN C 165 0.81 -30.59 -16.01
C ASN C 165 -0.55 -30.34 -16.65
N GLN C 166 -1.66 -30.53 -15.93
CA GLN C 166 -3.00 -30.37 -16.50
C GLN C 166 -3.72 -29.23 -15.80
N ILE C 167 -4.20 -28.28 -16.60
CA ILE C 167 -4.97 -27.14 -16.10
C ILE C 167 -6.19 -26.95 -16.98
N VAL C 168 -7.27 -26.47 -16.39
CA VAL C 168 -8.51 -26.18 -17.10
C VAL C 168 -8.87 -24.72 -16.87
N THR C 169 -9.19 -24.01 -17.96
CA THR C 169 -9.34 -22.56 -17.94
C THR C 169 -10.72 -22.16 -18.43
N SER C 170 -11.39 -21.30 -17.66
CA SER C 170 -12.63 -20.69 -18.10
C SER C 170 -12.33 -19.44 -18.93
N SER C 171 -13.28 -19.10 -19.81
CA SER C 171 -13.06 -18.01 -20.74
C SER C 171 -14.35 -17.22 -20.93
N GLY C 172 -14.21 -16.06 -21.57
CA GLY C 172 -15.34 -15.19 -21.83
C GLY C 172 -15.97 -15.43 -23.19
N ASP C 173 -15.74 -16.61 -23.75
CA ASP C 173 -16.32 -16.98 -25.03
C ASP C 173 -17.26 -18.17 -24.89
N THR C 174 -17.84 -18.35 -23.71
CA THR C 174 -18.79 -19.40 -23.37
C THR C 174 -18.18 -20.79 -23.45
N THR C 175 -16.86 -20.92 -23.46
CA THR C 175 -16.19 -22.19 -23.59
C THR C 175 -15.13 -22.35 -22.50
N CYS C 176 -14.91 -23.59 -22.09
CA CYS C 176 -13.83 -23.97 -21.20
C CYS C 176 -12.89 -24.89 -21.94
N ALA C 177 -11.63 -24.93 -21.50
CA ALA C 177 -10.62 -25.74 -22.15
C ALA C 177 -9.70 -26.36 -21.11
N LEU C 178 -9.37 -27.63 -21.30
CA LEU C 178 -8.41 -28.34 -20.46
C LEU C 178 -7.10 -28.44 -21.22
N TRP C 179 -6.01 -28.06 -20.55
CA TRP C 179 -4.72 -27.88 -21.19
C TRP C 179 -3.71 -28.91 -20.73
N ASP C 180 -2.82 -29.29 -21.65
CA ASP C 180 -1.64 -30.08 -21.33
C ASP C 180 -0.45 -29.12 -21.36
N ILE C 181 0.02 -28.72 -20.18
CA ILE C 181 1.03 -27.67 -20.09
C ILE C 181 2.32 -28.08 -20.78
N GLU C 182 2.61 -29.38 -20.83
CA GLU C 182 3.81 -29.84 -21.50
C GLU C 182 3.81 -29.47 -22.97
N THR C 183 2.66 -29.60 -23.63
CA THR C 183 2.51 -29.21 -25.03
C THR C 183 1.79 -27.88 -25.22
N GLY C 184 0.98 -27.46 -24.26
CA GLY C 184 0.24 -26.23 -24.37
C GLY C 184 -1.01 -26.31 -25.21
N GLN C 185 -1.34 -27.47 -25.74
CA GLN C 185 -2.51 -27.64 -26.59
C GLN C 185 -3.76 -27.85 -25.75
N GLN C 186 -4.91 -27.84 -26.42
CA GLN C 186 -6.20 -28.07 -25.76
C GLN C 186 -6.51 -29.56 -25.83
N THR C 187 -6.21 -30.27 -24.74
CA THR C 187 -6.50 -31.69 -24.69
C THR C 187 -7.99 -31.98 -24.80
N THR C 188 -8.82 -31.19 -24.12
CA THR C 188 -10.26 -31.34 -24.21
C THR C 188 -10.90 -29.96 -24.11
N THR C 189 -11.62 -29.56 -25.16
CA THR C 189 -12.35 -28.30 -25.17
C THR C 189 -13.79 -28.55 -24.74
N PHE C 190 -14.39 -27.56 -24.12
CA PHE C 190 -15.73 -27.68 -23.53
C PHE C 190 -16.65 -26.64 -24.12
N THR C 191 -17.84 -27.07 -24.56
CA THR C 191 -18.84 -26.19 -25.11
C THR C 191 -20.21 -26.58 -24.58
N GLY C 192 -21.12 -25.60 -24.53
CA GLY C 192 -22.45 -25.84 -24.03
C GLY C 192 -23.06 -24.67 -23.30
N HIS C 193 -22.24 -23.73 -22.84
CA HIS C 193 -22.76 -22.50 -22.27
C HIS C 193 -23.20 -21.56 -23.38
N THR C 194 -24.34 -20.89 -23.14
CA THR C 194 -24.82 -19.89 -24.08
C THR C 194 -24.28 -18.49 -23.80
N GLY C 195 -23.91 -18.21 -22.56
CA GLY C 195 -23.23 -16.98 -22.20
C GLY C 195 -21.80 -17.24 -21.78
N ASP C 196 -21.03 -16.16 -21.70
CA ASP C 196 -19.61 -16.27 -21.36
C ASP C 196 -19.42 -16.71 -19.92
N VAL C 197 -18.37 -17.50 -19.69
CA VAL C 197 -18.14 -18.21 -18.43
C VAL C 197 -17.25 -17.35 -17.54
N MET C 198 -17.63 -17.23 -16.26
CA MET C 198 -16.92 -16.40 -15.31
C MET C 198 -16.08 -17.18 -14.30
N SER C 199 -16.56 -18.35 -13.85
CA SER C 199 -15.85 -19.10 -12.81
C SER C 199 -15.57 -20.51 -13.27
N LEU C 200 -14.80 -21.22 -12.45
CA LEU C 200 -14.37 -22.58 -12.71
C LEU C 200 -13.75 -23.15 -11.45
N SER C 201 -14.27 -24.31 -11.02
CA SER C 201 -13.75 -24.97 -9.83
C SER C 201 -13.72 -26.48 -10.09
N LEU C 202 -12.82 -27.16 -9.39
CA LEU C 202 -12.54 -28.57 -9.60
C LEU C 202 -13.03 -29.39 -8.41
N ALA C 203 -13.41 -30.63 -8.69
CA ALA C 203 -13.85 -31.53 -7.63
C ALA C 203 -12.64 -32.04 -6.85
N PRO C 204 -12.83 -32.39 -5.58
CA PRO C 204 -11.71 -32.97 -4.81
C PRO C 204 -11.17 -34.26 -5.42
N ASP C 205 -12.03 -35.06 -6.06
CA ASP C 205 -11.56 -36.25 -6.77
C ASP C 205 -10.92 -35.91 -8.12
N THR C 206 -11.06 -34.66 -8.58
CA THR C 206 -10.44 -34.16 -9.80
C THR C 206 -10.80 -34.99 -11.03
N ARG C 207 -12.04 -35.47 -11.11
CA ARG C 207 -12.50 -36.24 -12.25
C ARG C 207 -13.58 -35.53 -13.07
N LEU C 208 -14.09 -34.39 -12.60
CA LEU C 208 -15.18 -33.68 -13.23
C LEU C 208 -15.34 -32.34 -12.52
N PHE C 209 -15.73 -31.31 -13.29
CA PHE C 209 -15.77 -29.95 -12.78
C PHE C 209 -17.02 -29.25 -13.28
N VAL C 210 -17.23 -28.02 -12.79
CA VAL C 210 -18.37 -27.19 -13.15
C VAL C 210 -17.86 -25.83 -13.60
N SER C 211 -18.74 -25.09 -14.26
CA SER C 211 -18.42 -23.74 -14.74
C SER C 211 -19.66 -22.86 -14.62
N GLY C 212 -19.43 -21.59 -14.33
CA GLY C 212 -20.51 -20.62 -14.18
C GLY C 212 -20.41 -19.54 -15.23
N ALA C 213 -21.51 -19.31 -15.94
CA ALA C 213 -21.55 -18.38 -17.06
C ALA C 213 -22.62 -17.33 -16.84
N CYS C 214 -22.52 -16.26 -17.63
CA CYS C 214 -23.45 -15.14 -17.49
C CYS C 214 -24.87 -15.49 -17.91
N ASP C 215 -25.08 -16.65 -18.51
CA ASP C 215 -26.41 -17.09 -18.92
C ASP C 215 -27.22 -17.68 -17.77
N ALA C 216 -26.84 -17.38 -16.53
CA ALA C 216 -27.52 -17.82 -15.31
C ALA C 216 -27.53 -19.34 -15.15
N SER C 217 -26.68 -20.05 -15.88
CA SER C 217 -26.63 -21.51 -15.84
C SER C 217 -25.26 -21.98 -15.37
N ALA C 218 -25.26 -22.96 -14.47
CA ALA C 218 -24.06 -23.64 -14.03
C ALA C 218 -24.20 -25.12 -14.37
N LYS C 219 -23.21 -25.67 -15.07
CA LYS C 219 -23.31 -27.03 -15.56
C LYS C 219 -22.03 -27.80 -15.26
N LEU C 220 -22.19 -29.12 -15.15
CA LEU C 220 -21.12 -30.02 -14.75
C LEU C 220 -20.53 -30.71 -15.96
N TRP C 221 -19.21 -30.79 -16.01
CA TRP C 221 -18.49 -31.32 -17.16
C TRP C 221 -17.61 -32.49 -16.74
N ASP C 222 -17.26 -33.33 -17.72
CA ASP C 222 -16.35 -34.44 -17.51
C ASP C 222 -14.98 -34.07 -18.07
N VAL C 223 -13.94 -34.20 -17.24
CA VAL C 223 -12.60 -33.83 -17.68
C VAL C 223 -12.09 -34.82 -18.72
N ARG C 224 -12.52 -36.08 -18.66
CA ARG C 224 -12.01 -37.10 -19.56
C ARG C 224 -12.56 -36.96 -20.99
N GLU C 225 -13.85 -36.67 -21.15
CA GLU C 225 -14.47 -36.62 -22.46
C GLU C 225 -15.07 -35.28 -22.83
N GLY C 226 -15.33 -34.40 -21.88
CA GLY C 226 -15.90 -33.10 -22.17
C GLY C 226 -17.41 -33.07 -22.28
N MET C 227 -18.10 -34.16 -21.95
CA MET C 227 -19.55 -34.20 -22.05
C MET C 227 -20.18 -33.62 -20.79
N CYS C 228 -21.10 -32.68 -20.97
CA CYS C 228 -21.83 -32.13 -19.85
C CYS C 228 -22.68 -33.20 -19.19
N ARG C 229 -22.65 -33.26 -17.85
CA ARG C 229 -23.31 -34.31 -17.11
C ARG C 229 -24.58 -33.86 -16.41
N GLN C 230 -24.66 -32.60 -16.00
CA GLN C 230 -25.88 -32.07 -15.40
C GLN C 230 -25.84 -30.55 -15.52
N THR C 231 -26.82 -30.00 -16.25
CA THR C 231 -26.92 -28.56 -16.45
C THR C 231 -27.97 -28.00 -15.50
N PHE C 232 -27.58 -26.99 -14.72
CA PHE C 232 -28.43 -26.43 -13.69
C PHE C 232 -28.81 -24.99 -14.06
N THR C 233 -30.08 -24.66 -13.83
CA THR C 233 -30.59 -23.31 -14.07
C THR C 233 -31.43 -22.89 -12.87
N GLY C 234 -31.79 -21.62 -12.84
CA GLY C 234 -32.61 -21.10 -11.77
C GLY C 234 -32.23 -19.69 -11.37
N HIS C 235 -31.01 -19.29 -11.70
CA HIS C 235 -30.56 -17.93 -11.41
C HIS C 235 -31.22 -16.94 -12.35
N GLU C 236 -31.33 -15.69 -11.90
CA GLU C 236 -31.95 -14.63 -12.68
C GLU C 236 -30.96 -13.77 -13.44
N SER C 237 -29.67 -13.85 -13.13
CA SER C 237 -28.70 -12.95 -13.73
C SER C 237 -27.39 -13.71 -13.93
N ASP C 238 -26.33 -12.97 -14.26
CA ASP C 238 -25.06 -13.57 -14.62
C ASP C 238 -24.39 -14.25 -13.44
N ILE C 239 -23.84 -15.43 -13.68
CA ILE C 239 -23.10 -16.18 -12.66
C ILE C 239 -21.66 -15.67 -12.63
N ASN C 240 -21.16 -15.35 -11.43
CA ASN C 240 -19.81 -14.82 -11.29
C ASN C 240 -18.84 -15.79 -10.65
N ALA C 241 -19.29 -16.65 -9.73
CA ALA C 241 -18.37 -17.49 -8.99
C ALA C 241 -19.02 -18.83 -8.67
N ILE C 242 -18.17 -19.87 -8.59
CA ILE C 242 -18.59 -21.22 -8.21
C ILE C 242 -17.49 -21.85 -7.36
N CYS C 243 -17.91 -22.64 -6.37
CA CYS C 243 -17.00 -23.45 -5.58
C CYS C 243 -17.62 -24.80 -5.29
N PHE C 244 -16.89 -25.88 -5.54
CA PHE C 244 -17.36 -27.20 -5.16
C PHE C 244 -17.44 -27.35 -3.66
N PHE C 245 -18.45 -28.11 -3.24
CA PHE C 245 -18.53 -28.55 -1.86
C PHE C 245 -17.38 -29.52 -1.58
N PRO C 246 -16.88 -29.56 -0.34
CA PRO C 246 -15.69 -30.39 -0.04
C PRO C 246 -15.81 -31.86 -0.44
N ASN C 247 -17.02 -32.38 -0.69
CA ASN C 247 -17.14 -33.76 -1.14
C ASN C 247 -17.21 -33.91 -2.65
N GLY C 248 -17.38 -32.82 -3.38
CA GLY C 248 -17.52 -32.88 -4.82
C GLY C 248 -18.90 -33.24 -5.33
N ASN C 249 -19.86 -33.46 -4.44
CA ASN C 249 -21.22 -33.82 -4.82
C ASN C 249 -22.16 -32.62 -4.82
N ALA C 250 -21.65 -31.42 -4.57
CA ALA C 250 -22.46 -30.22 -4.59
C ALA C 250 -21.57 -29.03 -4.88
N PHE C 251 -22.19 -27.92 -5.29
CA PHE C 251 -21.45 -26.69 -5.52
C PHE C 251 -22.40 -25.51 -5.42
N ALA C 252 -21.86 -24.37 -5.01
CA ALA C 252 -22.61 -23.14 -4.86
C ALA C 252 -22.18 -22.14 -5.93
N THR C 253 -23.11 -21.29 -6.35
CA THR C 253 -22.87 -20.34 -7.43
C THR C 253 -23.04 -18.92 -6.93
N GLY C 254 -22.28 -18.01 -7.53
CA GLY C 254 -22.37 -16.58 -7.20
C GLY C 254 -22.83 -15.81 -8.42
N SER C 255 -23.81 -14.93 -8.22
CA SER C 255 -24.47 -14.25 -9.33
C SER C 255 -24.66 -12.78 -9.01
N ASP C 256 -24.89 -12.00 -10.07
CA ASP C 256 -25.08 -10.56 -9.94
C ASP C 256 -26.37 -10.19 -9.24
N ASP C 257 -27.29 -11.13 -9.07
CA ASP C 257 -28.61 -10.82 -8.54
C ASP C 257 -28.65 -10.77 -7.02
N ALA C 258 -27.50 -10.57 -6.37
CA ALA C 258 -27.37 -10.51 -4.92
C ALA C 258 -27.78 -11.81 -4.25
N THR C 259 -27.86 -12.90 -5.00
CA THR C 259 -28.22 -14.20 -4.45
C THR C 259 -27.19 -15.23 -4.89
N CYS C 260 -26.90 -16.17 -3.98
CA CYS C 260 -26.10 -17.34 -4.28
C CYS C 260 -26.99 -18.57 -4.17
N ARG C 261 -26.75 -19.56 -5.03
CA ARG C 261 -27.58 -20.76 -5.02
C ARG C 261 -26.70 -22.00 -5.01
N LEU C 262 -27.18 -23.04 -4.34
CA LEU C 262 -26.47 -24.30 -4.16
C LEU C 262 -27.07 -25.35 -5.09
N PHE C 263 -26.21 -26.04 -5.84
CA PHE C 263 -26.62 -27.06 -6.78
C PHE C 263 -26.01 -28.40 -6.37
N ASP C 264 -26.80 -29.46 -6.49
CA ASP C 264 -26.36 -30.80 -6.13
C ASP C 264 -26.31 -31.68 -7.37
N LEU C 265 -25.22 -32.44 -7.51
CA LEU C 265 -24.96 -33.18 -8.74
C LEU C 265 -25.90 -34.37 -8.88
N ARG C 266 -26.10 -35.13 -7.80
CA ARG C 266 -26.95 -36.31 -7.89
C ARG C 266 -28.43 -35.95 -8.02
N ALA C 267 -28.87 -34.91 -7.31
CA ALA C 267 -30.27 -34.49 -7.43
C ALA C 267 -30.54 -33.76 -8.74
N ASP C 268 -29.49 -33.23 -9.37
CA ASP C 268 -29.59 -32.55 -10.67
C ASP C 268 -30.59 -31.40 -10.64
N GLN C 269 -30.60 -30.66 -9.53
CA GLN C 269 -31.47 -29.51 -9.39
C GLN C 269 -30.95 -28.60 -8.29
N GLU C 270 -31.46 -27.38 -8.27
CA GLU C 270 -31.08 -26.42 -7.23
C GLU C 270 -31.56 -26.90 -5.87
N LEU C 271 -30.82 -26.55 -4.82
CA LEU C 271 -31.13 -27.08 -3.50
C LEU C 271 -31.30 -25.96 -2.48
N MET C 272 -30.58 -24.86 -2.65
CA MET C 272 -30.71 -23.70 -1.76
C MET C 272 -30.45 -22.42 -2.54
N THR C 273 -30.99 -21.33 -2.02
CA THR C 273 -30.77 -20.00 -2.58
C THR C 273 -30.44 -19.04 -1.44
N TYR C 274 -29.31 -18.36 -1.54
CA TYR C 274 -28.81 -17.50 -0.46
C TYR C 274 -29.22 -16.06 -0.78
N SER C 275 -30.31 -15.62 -0.16
CA SER C 275 -30.89 -14.32 -0.43
C SER C 275 -31.18 -13.58 0.87
N HIS C 276 -31.07 -12.25 0.80
CA HIS C 276 -31.50 -11.38 1.88
C HIS C 276 -31.71 -9.98 1.29
N ASP C 277 -32.82 -9.35 1.68
CA ASP C 277 -33.24 -8.11 1.04
C ASP C 277 -32.23 -6.98 1.19
N ASN C 278 -31.44 -6.97 2.26
CA ASN C 278 -30.51 -5.88 2.49
C ASN C 278 -29.42 -5.80 1.44
N ILE C 279 -29.16 -6.88 0.71
CA ILE C 279 -28.13 -6.90 -0.33
C ILE C 279 -28.81 -6.71 -1.68
N ILE C 280 -28.30 -5.75 -2.46
CA ILE C 280 -28.83 -5.47 -3.79
C ILE C 280 -27.69 -5.44 -4.79
N CYS C 281 -26.56 -6.06 -4.44
CA CYS C 281 -25.37 -6.03 -5.27
C CYS C 281 -24.85 -7.44 -5.47
N GLY C 282 -24.16 -7.65 -6.59
CA GLY C 282 -23.74 -8.97 -6.99
C GLY C 282 -22.60 -9.54 -6.15
N ILE C 283 -22.41 -10.84 -6.31
CA ILE C 283 -21.34 -11.56 -5.63
C ILE C 283 -20.14 -11.67 -6.56
N THR C 284 -18.95 -11.35 -6.04
CA THR C 284 -17.74 -11.36 -6.84
C THR C 284 -17.04 -12.72 -6.84
N SER C 285 -16.83 -13.32 -5.67
CA SER C 285 -16.17 -14.62 -5.58
C SER C 285 -16.78 -15.39 -4.43
N VAL C 286 -16.73 -16.72 -4.54
CA VAL C 286 -17.34 -17.60 -3.55
C VAL C 286 -16.38 -18.75 -3.26
N SER C 287 -16.40 -19.23 -2.02
CA SER C 287 -15.64 -20.41 -1.63
C SER C 287 -16.21 -20.98 -0.34
N PHE C 288 -15.97 -22.27 -0.13
CA PHE C 288 -16.43 -22.97 1.05
C PHE C 288 -15.34 -23.00 2.12
N SER C 289 -15.70 -23.47 3.30
CA SER C 289 -14.73 -23.74 4.34
C SER C 289 -14.24 -25.18 4.22
N LYS C 290 -13.47 -25.63 5.21
CA LYS C 290 -12.98 -27.01 5.18
C LYS C 290 -14.11 -27.99 5.43
N SER C 291 -15.00 -27.69 6.37
CA SER C 291 -16.13 -28.58 6.65
C SER C 291 -17.25 -28.40 5.65
N GLY C 292 -17.24 -27.33 4.86
CA GLY C 292 -18.30 -27.06 3.92
C GLY C 292 -19.53 -26.40 4.51
N ARG C 293 -19.54 -26.16 5.83
CA ARG C 293 -20.70 -25.52 6.46
C ARG C 293 -20.78 -24.05 6.10
N LEU C 294 -19.64 -23.38 5.98
CA LEU C 294 -19.58 -21.95 5.73
C LEU C 294 -19.36 -21.72 4.24
N LEU C 295 -20.22 -20.90 3.64
CA LEU C 295 -20.07 -20.46 2.27
C LEU C 295 -19.68 -18.99 2.29
N LEU C 296 -18.48 -18.69 1.80
CA LEU C 296 -17.92 -17.35 1.88
C LEU C 296 -18.02 -16.68 0.53
N ALA C 297 -18.84 -15.63 0.44
CA ALA C 297 -19.11 -14.95 -0.82
C ALA C 297 -18.69 -13.50 -0.72
N GLY C 298 -17.90 -13.04 -1.68
CA GLY C 298 -17.51 -11.64 -1.77
C GLY C 298 -18.55 -10.83 -2.51
N TYR C 299 -18.87 -9.66 -1.96
CA TYR C 299 -19.97 -8.84 -2.46
C TYR C 299 -19.44 -7.52 -2.99
N ASP C 300 -20.29 -6.84 -3.77
CA ASP C 300 -19.92 -5.55 -4.33
C ASP C 300 -19.95 -4.44 -3.29
N ASP C 301 -20.79 -4.55 -2.27
CA ASP C 301 -20.91 -3.49 -1.27
C ASP C 301 -19.82 -3.61 -0.21
N PHE C 302 -18.57 -3.73 -0.66
CA PHE C 302 -17.39 -3.49 0.17
C PHE C 302 -17.19 -4.54 1.26
N ASN C 303 -18.09 -5.50 1.40
CA ASN C 303 -18.02 -6.46 2.48
C ASN C 303 -18.22 -7.87 1.98
N CYS C 304 -17.77 -8.83 2.78
CA CYS C 304 -17.95 -10.24 2.52
C CYS C 304 -18.81 -10.85 3.61
N ASN C 305 -19.86 -11.56 3.21
CA ASN C 305 -20.72 -12.25 4.15
C ASN C 305 -20.30 -13.71 4.25
N VAL C 306 -20.74 -14.36 5.34
CA VAL C 306 -20.54 -15.79 5.52
C VAL C 306 -21.91 -16.45 5.51
N TRP C 307 -22.07 -17.50 4.72
CA TRP C 307 -23.34 -18.18 4.55
C TRP C 307 -23.25 -19.60 5.10
N ASP C 308 -24.16 -19.93 5.99
CA ASP C 308 -24.29 -21.30 6.48
C ASP C 308 -24.95 -22.12 5.38
N ALA C 309 -24.14 -22.93 4.69
CA ALA C 309 -24.61 -23.58 3.46
C ALA C 309 -25.79 -24.51 3.71
N LEU C 310 -25.96 -24.99 4.94
CA LEU C 310 -27.10 -25.84 5.24
C LEU C 310 -28.33 -25.08 5.69
N LYS C 311 -28.20 -23.79 6.01
CA LYS C 311 -29.33 -23.01 6.49
C LYS C 311 -29.48 -21.64 5.84
N ALA C 312 -28.58 -21.25 4.93
CA ALA C 312 -28.62 -19.96 4.24
C ALA C 312 -28.59 -18.79 5.22
N ASP C 313 -28.16 -19.02 6.45
CA ASP C 313 -28.08 -17.95 7.44
C ASP C 313 -26.90 -17.04 7.16
N ARG C 314 -27.02 -15.78 7.55
CA ARG C 314 -25.92 -14.82 7.49
C ARG C 314 -25.29 -14.79 8.88
N ALA C 315 -24.25 -15.62 9.06
CA ALA C 315 -23.66 -15.80 10.37
C ALA C 315 -22.63 -14.72 10.72
N GLY C 316 -22.32 -13.83 9.80
CA GLY C 316 -21.34 -12.79 10.08
C GLY C 316 -20.98 -12.05 8.82
N VAL C 317 -20.28 -10.93 9.01
CA VAL C 317 -19.86 -10.06 7.92
C VAL C 317 -18.36 -9.86 8.02
N LEU C 318 -17.65 -10.10 6.92
CA LEU C 318 -16.22 -9.81 6.83
C LEU C 318 -16.01 -8.46 6.16
N ALA C 319 -16.49 -7.42 6.85
CA ALA C 319 -16.43 -6.05 6.33
C ALA C 319 -15.17 -5.38 6.83
N GLY C 320 -14.14 -5.36 5.99
CA GLY C 320 -12.89 -4.73 6.36
C GLY C 320 -12.18 -4.04 5.21
N HIS C 321 -12.84 -3.95 4.06
CA HIS C 321 -12.25 -3.37 2.86
C HIS C 321 -12.92 -2.05 2.51
N ASP C 322 -12.10 -1.11 2.04
CA ASP C 322 -12.59 0.20 1.64
C ASP C 322 -13.19 0.22 0.24
N ASN C 323 -13.08 -0.87 -0.50
CA ASN C 323 -13.62 -0.94 -1.86
C ASN C 323 -14.22 -2.33 -2.06
N ARG C 324 -14.55 -2.64 -3.32
CA ARG C 324 -15.17 -3.91 -3.65
C ARG C 324 -14.26 -5.08 -3.32
N VAL C 325 -14.74 -6.00 -2.49
CA VAL C 325 -14.06 -7.26 -2.27
C VAL C 325 -14.31 -8.16 -3.48
N SER C 326 -13.23 -8.65 -4.09
CA SER C 326 -13.33 -9.29 -5.39
C SER C 326 -12.95 -10.76 -5.37
N CYS C 327 -11.90 -11.14 -4.65
CA CYS C 327 -11.39 -12.50 -4.68
C CYS C 327 -11.45 -13.10 -3.28
N LEU C 328 -11.52 -14.42 -3.23
CA LEU C 328 -11.67 -15.12 -1.96
C LEU C 328 -11.11 -16.53 -2.10
N GLY C 329 -10.37 -16.95 -1.08
CA GLY C 329 -9.86 -18.31 -1.03
C GLY C 329 -9.67 -18.74 0.41
N VAL C 330 -9.70 -20.06 0.61
CA VAL C 330 -9.65 -20.64 1.96
C VAL C 330 -8.51 -21.65 2.00
N THR C 331 -7.86 -21.73 3.16
CA THR C 331 -6.74 -22.64 3.34
C THR C 331 -7.17 -24.09 3.13
N ASP C 332 -6.25 -24.88 2.56
CA ASP C 332 -6.49 -26.31 2.48
C ASP C 332 -6.51 -26.95 3.85
N ASP C 333 -5.79 -26.37 4.81
CA ASP C 333 -5.86 -26.80 6.20
C ASP C 333 -7.13 -26.30 6.89
N GLY C 334 -7.87 -25.40 6.27
CA GLY C 334 -9.04 -24.82 6.89
C GLY C 334 -8.75 -23.74 7.89
N MET C 335 -7.50 -23.28 7.97
CA MET C 335 -7.11 -22.36 9.03
C MET C 335 -7.64 -20.95 8.79
N ALA C 336 -7.57 -20.47 7.54
CA ALA C 336 -7.83 -19.05 7.30
C ALA C 336 -8.51 -18.85 5.96
N VAL C 337 -9.11 -17.67 5.81
CA VAL C 337 -9.65 -17.19 4.54
C VAL C 337 -9.05 -15.82 4.26
N ALA C 338 -8.60 -15.62 3.02
CA ALA C 338 -8.02 -14.36 2.60
C ALA C 338 -8.87 -13.75 1.51
N THR C 339 -9.26 -12.49 1.71
CA THR C 339 -10.16 -11.79 0.79
C THR C 339 -9.47 -10.53 0.29
N GLY C 340 -9.04 -10.55 -0.96
CA GLY C 340 -8.51 -9.35 -1.59
C GLY C 340 -9.64 -8.45 -2.07
N SER C 341 -9.26 -7.24 -2.47
CA SER C 341 -10.26 -6.25 -2.84
C SER C 341 -9.62 -5.20 -3.72
N TRP C 342 -10.46 -4.27 -4.21
CA TRP C 342 -9.97 -3.14 -4.98
C TRP C 342 -9.25 -2.11 -4.11
N ASP C 343 -9.31 -2.27 -2.78
CA ASP C 343 -8.58 -1.40 -1.86
C ASP C 343 -7.07 -1.65 -1.87
N SER C 344 -6.58 -2.50 -2.78
CA SER C 344 -5.17 -2.81 -2.96
C SER C 344 -4.55 -3.53 -1.78
N PHE C 345 -5.35 -4.01 -0.83
CA PHE C 345 -4.85 -4.71 0.33
C PHE C 345 -5.56 -6.05 0.48
N LEU C 346 -4.79 -7.10 0.70
CA LEU C 346 -5.36 -8.38 1.10
C LEU C 346 -5.56 -8.42 2.61
N LYS C 347 -6.41 -9.33 3.06
CA LYS C 347 -6.68 -9.52 4.47
C LYS C 347 -6.89 -11.00 4.74
N ILE C 348 -6.25 -11.52 5.77
CA ILE C 348 -6.34 -12.93 6.13
C ILE C 348 -7.03 -13.03 7.48
N TRP C 349 -8.04 -13.89 7.58
CA TRP C 349 -8.94 -13.90 8.72
C TRP C 349 -8.93 -15.26 9.39
N ASN C 350 -9.49 -15.33 10.59
CA ASN C 350 -9.71 -16.59 11.29
C ASN C 350 -11.03 -16.54 12.05
N THR D 1 22.78 45.33 38.88
CA THR D 1 23.78 46.38 39.04
C THR D 1 23.26 47.50 39.93
N LEU D 2 22.00 47.89 39.71
CA LEU D 2 21.40 48.97 40.50
C LEU D 2 20.93 48.51 41.87
N GLN D 3 20.97 47.21 42.16
CA GLN D 3 20.52 46.73 43.46
C GLN D 3 21.41 47.27 44.58
N LYS D 4 22.73 47.29 44.36
CA LYS D 4 23.63 47.83 45.38
C LYS D 4 23.41 49.32 45.57
N LYS D 5 23.15 50.05 44.48
CA LYS D 5 22.84 51.47 44.60
C LYS D 5 21.55 51.69 45.38
N ILE D 6 20.54 50.86 45.13
CA ILE D 6 19.29 50.97 45.88
C ILE D 6 19.53 50.68 47.36
N GLU D 7 20.35 49.67 47.66
CA GLU D 7 20.65 49.35 49.04
C GLU D 7 21.38 50.51 49.73
N GLU D 8 22.37 51.10 49.06
CA GLU D 8 23.11 52.19 49.68
C GLU D 8 22.24 53.44 49.82
N ILE D 9 21.29 53.65 48.91
CA ILE D 9 20.36 54.75 49.07
C ILE D 9 19.43 54.51 50.26
N ALA D 10 18.92 53.29 50.39
CA ALA D 10 18.08 52.96 51.53
C ALA D 10 18.85 52.96 52.84
N ALA D 11 20.18 52.84 52.77
CA ALA D 11 20.99 52.94 53.98
C ALA D 11 20.89 54.29 54.65
N LYS D 12 20.40 55.31 53.94
CA LYS D 12 20.15 56.61 54.54
C LYS D 12 19.01 56.60 55.53
N TYR D 13 18.22 55.52 55.57
CA TYR D 13 17.10 55.41 56.49
C TYR D 13 17.60 55.17 57.92
N LYS D 14 16.71 55.42 58.88
CA LYS D 14 17.02 55.28 60.29
C LYS D 14 16.17 54.22 60.99
N HIS D 15 15.45 53.40 60.24
CA HIS D 15 14.60 52.37 60.84
C HIS D 15 14.53 51.17 59.91
N SER D 16 14.17 50.03 60.49
CA SER D 16 14.04 48.81 59.69
C SER D 16 12.94 48.94 58.65
N VAL D 17 11.78 49.48 59.05
CA VAL D 17 10.72 49.73 58.09
C VAL D 17 11.12 50.81 57.09
N VAL D 18 11.82 51.84 57.58
CA VAL D 18 12.31 52.89 56.68
C VAL D 18 13.29 52.30 55.67
N LYS D 19 14.12 51.34 56.11
CA LYS D 19 15.04 50.68 55.18
C LYS D 19 14.28 49.81 54.19
N LYS D 20 13.26 49.10 54.65
CA LYS D 20 12.48 48.23 53.76
C LYS D 20 11.56 49.03 52.84
N CYS D 21 11.40 50.33 53.09
CA CYS D 21 10.57 51.17 52.22
C CYS D 21 10.98 51.05 50.76
N CYS D 22 12.29 51.00 50.50
CA CYS D 22 12.80 50.80 49.14
C CYS D 22 12.98 49.33 48.80
N TYR D 23 12.84 48.42 49.76
CA TYR D 23 13.01 47.00 49.48
C TYR D 23 11.95 46.49 48.52
N ASP D 24 10.76 47.11 48.51
CA ASP D 24 9.72 46.76 47.56
C ASP D 24 9.50 47.83 46.50
N GLY D 25 9.95 49.06 46.73
CA GLY D 25 9.82 50.12 45.74
C GLY D 25 10.82 50.04 44.61
N ALA D 26 11.82 49.15 44.71
CA ALA D 26 12.81 48.97 43.67
C ALA D 26 12.37 47.98 42.60
N CYS D 27 11.06 47.74 42.48
CA CYS D 27 10.55 46.81 41.48
C CYS D 27 10.80 47.34 40.07
N VAL D 28 10.89 46.39 39.12
CA VAL D 28 11.18 46.72 37.73
C VAL D 28 10.00 46.31 36.86
N ASN D 29 8.79 46.44 37.41
CA ASN D 29 7.59 46.09 36.67
C ASN D 29 7.47 46.93 35.40
N ASN D 30 6.71 46.40 34.43
CA ASN D 30 6.56 47.02 33.13
C ASN D 30 5.51 48.12 33.10
N ASP D 31 4.85 48.38 34.22
CA ASP D 31 3.86 49.45 34.28
C ASP D 31 4.55 50.81 34.29
N GLU D 32 3.81 51.82 33.84
CA GLU D 32 4.34 53.17 33.70
C GLU D 32 3.96 54.03 34.90
N THR D 33 4.70 55.13 35.06
CA THR D 33 4.41 56.23 35.99
C THR D 33 3.97 55.71 37.37
N CYS D 34 4.93 55.06 38.03
CA CYS D 34 4.69 54.49 39.36
C CYS D 34 4.30 55.53 40.40
N GLU D 35 4.30 56.82 40.05
CA GLU D 35 3.94 57.86 41.01
C GLU D 35 2.54 57.65 41.58
N GLN D 36 1.64 57.05 40.78
CA GLN D 36 0.31 56.73 41.30
C GLN D 36 0.40 55.71 42.43
N ARG D 37 1.24 54.69 42.26
CA ARG D 37 1.45 53.72 43.34
C ARG D 37 2.08 54.38 44.55
N ALA D 38 3.03 55.29 44.33
CA ALA D 38 3.67 56.00 45.44
C ALA D 38 2.65 56.83 46.22
N ALA D 39 1.74 57.50 45.52
CA ALA D 39 0.71 58.29 46.19
C ALA D 39 -0.34 57.40 46.84
N ARG D 40 -0.55 56.19 46.33
CA ARG D 40 -1.56 55.30 46.90
C ARG D 40 -1.17 54.80 48.29
N ILE D 41 0.11 54.50 48.52
CA ILE D 41 0.53 53.93 49.79
C ILE D 41 0.51 55.00 50.88
N SER D 42 0.49 54.54 52.13
CA SER D 42 0.50 55.41 53.29
C SER D 42 1.66 55.01 54.20
N LEU D 43 2.47 55.99 54.58
CA LEU D 43 3.63 55.75 55.43
C LEU D 43 4.08 57.09 56.03
N GLY D 44 5.15 57.04 56.80
CA GLY D 44 5.69 58.22 57.43
C GLY D 44 6.46 59.08 56.45
N PRO D 45 6.85 60.27 56.91
CA PRO D 45 7.57 61.19 56.01
C PRO D 45 8.86 60.62 55.46
N ARG D 46 9.60 59.84 56.25
CA ARG D 46 10.86 59.28 55.77
C ARG D 46 10.61 58.33 54.60
N CYS D 47 9.69 57.37 54.79
CA CYS D 47 9.38 56.44 53.70
C CYS D 47 8.68 57.15 52.54
N ILE D 48 7.87 58.17 52.83
CA ILE D 48 7.23 58.92 51.76
C ILE D 48 8.26 59.58 50.87
N LYS D 49 9.27 60.20 51.47
CA LYS D 49 10.35 60.80 50.68
C LYS D 49 11.20 59.75 49.98
N ALA D 50 11.46 58.62 50.64
CA ALA D 50 12.36 57.62 50.09
C ALA D 50 11.73 56.83 48.94
N PHE D 51 10.40 56.65 48.96
CA PHE D 51 9.75 55.82 47.95
C PHE D 51 9.89 56.42 46.55
N THR D 52 9.71 57.74 46.44
CA THR D 52 9.85 58.38 45.14
C THR D 52 11.26 58.25 44.60
N GLU D 53 12.26 58.51 45.44
CA GLU D 53 13.64 58.40 45.01
C GLU D 53 13.99 56.96 44.63
N CYS D 54 13.44 55.99 45.36
CA CYS D 54 13.70 54.59 45.04
C CYS D 54 13.07 54.22 43.70
N CYS D 55 11.81 54.61 43.48
CA CYS D 55 11.12 54.16 42.28
C CYS D 55 11.62 54.88 41.04
N VAL D 56 12.05 56.13 41.16
CA VAL D 56 12.55 56.84 39.98
C VAL D 56 13.83 56.18 39.47
N VAL D 57 14.75 55.84 40.38
CA VAL D 57 15.98 55.19 39.95
C VAL D 57 15.72 53.76 39.49
N ALA D 58 14.75 53.08 40.13
CA ALA D 58 14.39 51.75 39.65
C ALA D 58 13.84 51.80 38.24
N SER D 59 12.98 52.77 37.95
CA SER D 59 12.44 52.93 36.60
C SER D 59 13.52 53.30 35.60
N GLN D 60 14.46 54.17 35.99
CA GLN D 60 15.55 54.52 35.09
C GLN D 60 16.41 53.31 34.76
N LEU D 61 16.72 52.50 35.77
CA LEU D 61 17.51 51.29 35.54
C LEU D 61 16.75 50.30 34.65
N ARG D 62 15.45 50.13 34.90
CA ARG D 62 14.66 49.22 34.08
C ARG D 62 14.51 49.74 32.65
N ALA D 63 14.60 51.05 32.46
CA ALA D 63 14.47 51.62 31.12
C ALA D 63 15.76 51.51 30.33
N ASN D 64 16.88 51.86 30.95
CA ASN D 64 18.15 51.85 30.22
C ASN D 64 18.66 50.44 29.94
N ILE D 65 18.05 49.41 30.53
CA ILE D 65 18.49 48.03 30.32
C ILE D 65 17.87 47.41 29.08
N SER D 66 16.87 48.06 28.48
CA SER D 66 16.21 47.57 27.27
C SER D 66 15.57 46.19 27.48
N HIS D 67 15.03 45.96 28.67
CA HIS D 67 14.32 44.71 28.95
C HIS D 67 12.89 44.81 28.42
N LYS D 68 12.54 43.93 27.50
CA LYS D 68 11.23 43.95 26.85
C LYS D 68 10.55 42.60 27.04
N ASP D 69 9.30 42.65 27.48
CA ASP D 69 8.52 41.43 27.68
C ASP D 69 8.13 40.84 26.33
N MET D 70 8.30 39.54 26.18
CA MET D 70 7.96 38.88 24.91
C MET D 70 7.53 37.45 25.22
N GLN D 71 6.21 37.25 25.35
CA GLN D 71 5.63 35.91 25.37
C GLN D 71 5.37 35.52 23.93
N LEU D 72 6.18 34.58 23.41
CA LEU D 72 6.22 34.25 21.99
C LEU D 72 6.58 35.49 21.17
N GLY D 73 7.78 35.99 21.44
CA GLY D 73 8.27 37.18 20.76
C GLY D 73 9.77 37.17 20.56
N ALA E 7 -27.30 -22.31 -41.21
CA ALA E 7 -28.20 -23.37 -40.78
C ALA E 7 -28.18 -23.53 -39.26
N SER E 8 -29.33 -23.91 -38.70
CA SER E 8 -29.45 -24.10 -37.27
C SER E 8 -30.07 -25.44 -36.87
N ILE E 9 -30.33 -26.34 -37.83
CA ILE E 9 -30.92 -27.63 -37.49
C ILE E 9 -29.92 -28.51 -36.75
N ALA E 10 -28.66 -28.48 -37.17
CA ALA E 10 -27.64 -29.31 -36.52
C ALA E 10 -27.40 -28.89 -35.08
N GLN E 11 -27.36 -27.58 -34.82
CA GLN E 11 -27.16 -27.10 -33.46
C GLN E 11 -28.31 -27.53 -32.56
N ALA E 12 -29.55 -27.41 -33.05
CA ALA E 12 -30.70 -27.84 -32.28
C ALA E 12 -30.71 -29.34 -32.06
N ARG E 13 -30.26 -30.12 -33.06
CA ARG E 13 -30.15 -31.56 -32.88
C ARG E 13 -29.14 -31.90 -31.80
N LYS E 14 -28.01 -31.20 -31.78
CA LYS E 14 -27.03 -31.40 -30.71
C LYS E 14 -27.62 -31.03 -29.35
N LEU E 15 -28.38 -29.94 -29.30
CA LEU E 15 -29.01 -29.53 -28.05
C LEU E 15 -30.00 -30.58 -27.55
N VAL E 16 -30.83 -31.12 -28.45
CA VAL E 16 -31.82 -32.10 -28.01
C VAL E 16 -31.13 -33.41 -27.63
N GLU E 17 -30.05 -33.77 -28.33
CA GLU E 17 -29.31 -34.96 -27.92
C GLU E 17 -28.70 -34.79 -26.54
N GLN E 18 -28.12 -33.62 -26.25
CA GLN E 18 -27.54 -33.37 -24.94
C GLN E 18 -28.61 -33.36 -23.86
N LEU E 19 -29.78 -32.77 -24.15
CA LEU E 19 -30.87 -32.79 -23.19
C LEU E 19 -31.38 -34.20 -22.93
N LYS E 20 -31.46 -35.04 -23.98
CA LYS E 20 -31.87 -36.43 -23.78
C LYS E 20 -30.83 -37.18 -22.95
N MET E 21 -29.54 -36.91 -23.19
CA MET E 21 -28.50 -37.54 -22.38
C MET E 21 -28.62 -37.14 -20.92
N GLU E 22 -28.90 -35.85 -20.66
CA GLU E 22 -29.14 -35.43 -19.29
C GLU E 22 -30.37 -36.10 -18.69
N ALA E 23 -31.44 -36.23 -19.48
CA ALA E 23 -32.67 -36.82 -18.97
C ALA E 23 -32.49 -38.29 -18.61
N ASN E 24 -31.82 -39.05 -19.48
CA ASN E 24 -31.62 -40.47 -19.23
C ASN E 24 -30.70 -40.72 -18.05
N ILE E 25 -29.90 -39.72 -17.65
CA ILE E 25 -29.02 -39.88 -16.50
C ILE E 25 -29.85 -40.09 -15.25
N ASP E 26 -29.40 -41.01 -14.40
CA ASP E 26 -30.13 -41.32 -13.17
C ASP E 26 -30.12 -40.12 -12.23
N ARG E 27 -31.14 -40.05 -11.39
CA ARG E 27 -31.28 -39.00 -10.40
C ARG E 27 -31.75 -39.60 -9.09
N ILE E 28 -31.26 -39.05 -7.99
CA ILE E 28 -31.67 -39.49 -6.66
C ILE E 28 -32.53 -38.40 -6.04
N LYS E 29 -33.41 -38.81 -5.13
CA LYS E 29 -34.30 -37.86 -4.48
C LYS E 29 -33.50 -36.89 -3.60
N VAL E 30 -34.02 -35.67 -3.47
CA VAL E 30 -33.30 -34.64 -2.73
C VAL E 30 -33.14 -35.04 -1.27
N SER E 31 -34.06 -35.85 -0.75
CA SER E 31 -33.95 -36.30 0.63
C SER E 31 -32.69 -37.12 0.87
N LYS E 32 -32.09 -37.68 -0.18
CA LYS E 32 -30.85 -38.42 -0.05
C LYS E 32 -29.63 -37.52 -0.21
N ALA E 33 -29.62 -36.66 -1.22
CA ALA E 33 -28.49 -35.75 -1.42
C ALA E 33 -28.33 -34.79 -0.26
N ALA E 34 -29.44 -34.23 0.22
CA ALA E 34 -29.38 -33.32 1.35
C ALA E 34 -28.90 -34.02 2.61
N ALA E 35 -29.38 -35.25 2.85
CA ALA E 35 -28.93 -36.00 4.01
C ALA E 35 -27.44 -36.32 3.92
N ASP E 36 -26.96 -36.66 2.71
CA ASP E 36 -25.54 -36.92 2.53
C ASP E 36 -24.71 -35.67 2.79
N LEU E 37 -25.18 -34.51 2.30
CA LEU E 37 -24.48 -33.26 2.53
C LEU E 37 -24.42 -32.93 4.03
N MET E 38 -25.55 -33.12 4.72
CA MET E 38 -25.59 -32.88 6.16
C MET E 38 -24.65 -33.82 6.91
N ALA E 39 -24.62 -35.09 6.52
CA ALA E 39 -23.74 -36.04 7.18
C ALA E 39 -22.28 -35.70 6.94
N TYR E 40 -21.94 -35.26 5.72
CA TYR E 40 -20.57 -34.87 5.44
C TYR E 40 -20.18 -33.64 6.25
N CYS E 41 -21.09 -32.67 6.38
CA CYS E 41 -20.82 -31.50 7.21
C CYS E 41 -20.60 -31.91 8.67
N GLU E 42 -21.42 -32.82 9.17
CA GLU E 42 -21.32 -33.23 10.57
C GLU E 42 -20.03 -34.02 10.82
N ALA E 43 -19.60 -34.81 9.83
CA ALA E 43 -18.40 -35.63 10.02
C ALA E 43 -17.16 -34.77 10.20
N HIS E 44 -17.05 -33.69 9.45
CA HIS E 44 -15.87 -32.81 9.50
C HIS E 44 -16.10 -31.59 10.37
N ALA E 45 -17.01 -31.66 11.35
CA ALA E 45 -17.32 -30.50 12.16
C ALA E 45 -16.16 -30.13 13.08
N LYS E 46 -15.39 -31.11 13.54
CA LYS E 46 -14.31 -30.88 14.50
C LYS E 46 -12.95 -30.73 13.82
N GLU E 47 -12.92 -30.41 12.54
CA GLU E 47 -11.67 -30.27 11.79
C GLU E 47 -11.73 -29.04 10.89
N ASP E 48 -12.26 -27.94 11.41
CA ASP E 48 -12.37 -26.69 10.66
C ASP E 48 -11.99 -25.53 11.58
N PRO E 49 -10.78 -24.99 11.45
CA PRO E 49 -10.42 -23.82 12.25
C PRO E 49 -11.24 -22.57 11.94
N LEU E 50 -11.92 -22.52 10.79
CA LEU E 50 -12.75 -21.36 10.49
C LEU E 50 -14.11 -21.44 11.17
N LEU E 51 -14.77 -22.61 11.11
CA LEU E 51 -16.08 -22.76 11.73
C LEU E 51 -16.01 -23.02 13.22
N THR E 52 -14.83 -23.34 13.74
CA THR E 52 -14.65 -23.60 15.16
C THR E 52 -13.47 -22.81 15.69
N PRO E 53 -13.51 -22.39 16.96
CA PRO E 53 -12.40 -21.62 17.52
C PRO E 53 -11.11 -22.43 17.52
N VAL E 54 -10.00 -21.73 17.32
CA VAL E 54 -8.68 -22.36 17.27
C VAL E 54 -7.80 -21.72 18.34
N PRO E 55 -7.07 -22.52 19.12
CA PRO E 55 -6.17 -21.93 20.13
C PRO E 55 -5.02 -21.17 19.49
N ALA E 56 -4.52 -20.18 20.23
CA ALA E 56 -3.42 -19.37 19.74
C ALA E 56 -2.13 -20.17 19.60
N SER E 57 -1.99 -21.25 20.38
CA SER E 57 -0.79 -22.08 20.26
C SER E 57 -0.72 -22.75 18.90
N GLU E 58 -1.85 -23.24 18.40
CA GLU E 58 -1.88 -23.92 17.09
C GLU E 58 -2.24 -22.97 15.95
N ASN E 59 -2.48 -21.70 16.23
CA ASN E 59 -2.87 -20.76 15.20
C ASN E 59 -1.66 -20.41 14.34
N PRO E 60 -1.71 -20.65 13.02
CA PRO E 60 -0.58 -20.27 12.17
C PRO E 60 -0.55 -18.79 11.81
N PHE E 61 -1.54 -18.02 12.23
CA PHE E 61 -1.61 -16.58 11.97
C PHE E 61 -1.66 -15.77 13.26
N ARG E 62 -1.23 -16.36 14.37
CA ARG E 62 -1.26 -15.69 15.66
C ARG E 62 -0.37 -14.46 15.70
N ASP F 1 23.10 -23.15 -17.52
CA ASP F 1 23.28 -23.79 -16.23
C ASP F 1 24.06 -22.90 -15.27
N VAL F 2 23.98 -23.22 -13.98
CA VAL F 2 24.63 -22.42 -12.94
C VAL F 2 26.13 -22.71 -12.95
N GLN F 3 26.93 -21.65 -12.89
CA GLN F 3 28.37 -21.77 -12.79
C GLN F 3 28.92 -20.73 -11.84
N LEU F 4 30.02 -21.08 -11.17
CA LEU F 4 30.75 -20.15 -10.30
C LEU F 4 32.23 -20.47 -10.42
N VAL F 5 32.96 -19.60 -11.10
CA VAL F 5 34.40 -19.77 -11.31
C VAL F 5 35.12 -18.62 -10.62
N GLU F 6 36.08 -18.95 -9.76
CA GLU F 6 36.82 -17.96 -9.00
C GLU F 6 38.21 -17.76 -9.60
N SER F 7 38.84 -16.67 -9.19
CA SER F 7 40.19 -16.34 -9.62
C SER F 7 40.83 -15.44 -8.57
N GLY F 8 42.15 -15.30 -8.64
CA GLY F 8 42.89 -14.49 -7.71
C GLY F 8 43.73 -15.25 -6.71
N GLY F 9 43.80 -16.57 -6.81
CA GLY F 9 44.63 -17.37 -5.92
C GLY F 9 46.05 -17.49 -6.43
N GLY F 10 46.83 -18.31 -5.73
CA GLY F 10 48.23 -18.54 -6.06
C GLY F 10 49.12 -18.44 -4.85
N LEU F 11 50.33 -17.93 -5.08
CA LEU F 11 51.35 -17.81 -4.03
C LEU F 11 51.37 -16.40 -3.49
N VAL F 12 51.36 -16.29 -2.15
CA VAL F 12 51.40 -15.00 -1.47
C VAL F 12 52.53 -15.03 -0.44
N GLN F 13 53.36 -13.99 -0.45
CA GLN F 13 54.35 -13.82 0.59
C GLN F 13 53.67 -13.54 1.92
N PRO F 14 54.27 -13.96 3.03
CA PRO F 14 53.63 -13.73 4.33
C PRO F 14 53.43 -12.24 4.61
N GLY F 15 52.29 -11.91 5.22
CA GLY F 15 51.92 -10.54 5.50
C GLY F 15 51.34 -9.79 4.32
N GLY F 16 51.16 -10.44 3.18
CA GLY F 16 50.64 -9.79 1.99
C GLY F 16 49.12 -9.68 2.01
N SER F 17 48.57 -9.26 0.87
CA SER F 17 47.14 -9.05 0.74
C SER F 17 46.76 -9.13 -0.72
N ARG F 18 45.56 -9.67 -0.98
CA ARG F 18 45.02 -9.72 -2.34
C ARG F 18 43.53 -9.98 -2.26
N LYS F 19 42.85 -9.79 -3.38
CA LYS F 19 41.40 -9.92 -3.48
C LYS F 19 41.06 -11.09 -4.38
N LEU F 20 39.97 -11.80 -4.02
CA LEU F 20 39.48 -12.93 -4.81
C LEU F 20 38.15 -12.56 -5.45
N SER F 21 37.96 -13.01 -6.70
CA SER F 21 36.77 -12.69 -7.47
C SER F 21 35.96 -13.96 -7.72
N CYS F 22 34.65 -13.84 -7.67
CA CYS F 22 33.73 -14.94 -7.95
C CYS F 22 32.86 -14.55 -9.14
N SER F 23 33.27 -14.97 -10.34
CA SER F 23 32.55 -14.65 -11.56
C SER F 23 31.33 -15.56 -11.66
N ALA F 24 30.14 -14.97 -11.58
CA ALA F 24 28.90 -15.72 -11.62
C ALA F 24 28.26 -15.64 -13.01
N SER F 25 27.65 -16.75 -13.41
CA SER F 25 26.96 -16.81 -14.69
C SER F 25 25.89 -17.89 -14.64
N GLY F 26 24.88 -17.74 -15.49
CA GLY F 26 23.83 -18.72 -15.58
C GLY F 26 22.72 -18.60 -14.57
N PHE F 27 22.71 -17.53 -13.78
CA PHE F 27 21.64 -17.32 -12.81
C PHE F 27 21.57 -15.84 -12.45
N ALA F 28 20.45 -15.46 -11.85
CA ALA F 28 20.20 -14.06 -11.48
C ALA F 28 20.96 -13.75 -10.20
N PHE F 29 22.21 -13.34 -10.37
CA PHE F 29 23.10 -13.14 -9.23
C PHE F 29 22.62 -12.02 -8.31
N SER F 30 21.81 -11.10 -8.84
CA SER F 30 21.41 -9.92 -8.07
C SER F 30 20.58 -10.28 -6.83
N SER F 31 19.80 -11.36 -6.89
CA SER F 31 18.93 -11.73 -5.79
C SER F 31 19.49 -12.87 -4.96
N PHE F 32 20.76 -13.21 -5.13
CA PHE F 32 21.39 -14.31 -4.41
C PHE F 32 22.38 -13.76 -3.39
N GLY F 33 22.23 -14.17 -2.14
CA GLY F 33 23.15 -13.80 -1.08
C GLY F 33 24.37 -14.68 -1.03
N MET F 34 25.30 -14.48 -1.95
CA MET F 34 26.44 -15.38 -2.09
C MET F 34 27.33 -15.35 -0.85
N HIS F 35 28.02 -16.45 -0.62
CA HIS F 35 28.98 -16.61 0.47
C HIS F 35 30.38 -16.79 -0.11
N TRP F 36 31.33 -17.07 0.78
CA TRP F 36 32.69 -17.45 0.39
C TRP F 36 33.29 -18.24 1.53
N VAL F 37 33.54 -19.53 1.30
CA VAL F 37 34.09 -20.43 2.31
C VAL F 37 35.31 -21.14 1.73
N ARG F 38 36.10 -21.72 2.62
CA ARG F 38 37.42 -22.25 2.27
C ARG F 38 37.61 -23.61 2.92
N GLN F 39 38.58 -24.35 2.39
CA GLN F 39 38.95 -25.66 2.91
C GLN F 39 40.47 -25.79 2.90
N ALA F 40 41.06 -26.00 4.07
CA ALA F 40 42.48 -26.27 4.14
C ALA F 40 42.79 -27.61 3.50
N PRO F 41 44.02 -27.82 3.01
CA PRO F 41 44.32 -29.06 2.29
C PRO F 41 44.09 -30.33 3.10
N GLU F 42 44.20 -30.26 4.43
CA GLU F 42 44.01 -31.43 5.27
C GLU F 42 43.15 -31.07 6.48
N LYS F 43 42.07 -30.33 6.25
CA LYS F 43 41.15 -29.96 7.32
C LYS F 43 39.75 -29.86 6.75
N GLY F 44 38.79 -29.60 7.63
CA GLY F 44 37.41 -29.43 7.20
C GLY F 44 37.12 -28.04 6.70
N LEU F 45 35.90 -27.86 6.20
CA LEU F 45 35.48 -26.56 5.70
C LEU F 45 35.24 -25.60 6.87
N GLU F 46 35.27 -24.30 6.56
CA GLU F 46 35.07 -23.28 7.56
C GLU F 46 34.45 -22.05 6.92
N TRP F 47 33.58 -21.39 7.68
CA TRP F 47 32.91 -20.18 7.22
C TRP F 47 33.88 -19.00 7.23
N VAL F 48 33.77 -18.16 6.20
CA VAL F 48 34.63 -16.98 6.08
C VAL F 48 33.80 -15.72 5.96
N ALA F 49 32.94 -15.64 4.94
CA ALA F 49 32.25 -14.39 4.64
C ALA F 49 30.80 -14.67 4.28
N TYR F 50 30.02 -13.59 4.22
CA TYR F 50 28.61 -13.64 3.86
C TYR F 50 28.16 -12.25 3.45
N ILE F 51 27.63 -12.12 2.24
CA ILE F 51 27.09 -10.86 1.74
C ILE F 51 25.66 -11.10 1.26
N SER F 52 24.75 -10.23 1.66
CA SER F 52 23.34 -10.41 1.37
C SER F 52 23.00 -9.84 -0.01
N SER F 53 21.72 -9.97 -0.39
CA SER F 53 21.25 -9.43 -1.66
C SER F 53 21.23 -7.91 -1.59
N GLY F 54 21.78 -7.28 -2.63
CA GLY F 54 21.87 -5.83 -2.65
C GLY F 54 22.91 -5.24 -1.73
N SER F 55 23.80 -6.07 -1.19
CA SER F 55 24.88 -5.62 -0.30
C SER F 55 24.34 -4.86 0.91
N GLY F 56 23.24 -5.32 1.48
CA GLY F 56 22.65 -4.69 2.64
C GLY F 56 22.95 -5.32 3.97
N THR F 57 23.58 -6.50 3.96
CA THR F 57 23.92 -7.19 5.20
C THR F 57 25.15 -8.04 4.94
N ILE F 58 26.12 -7.98 5.86
CA ILE F 58 27.41 -8.64 5.65
C ILE F 58 28.00 -9.01 6.99
N TYR F 59 28.65 -10.19 7.04
CA TYR F 59 29.34 -10.66 8.24
C TYR F 59 30.62 -11.35 7.83
N TYR F 60 31.51 -11.52 8.81
CA TYR F 60 32.78 -12.21 8.61
C TYR F 60 33.02 -13.17 9.76
N ALA F 61 34.06 -13.99 9.63
CA ALA F 61 34.44 -14.93 10.66
C ALA F 61 35.17 -14.22 11.80
N ASP F 62 35.17 -14.86 12.98
CA ASP F 62 35.85 -14.30 14.13
C ASP F 62 37.35 -14.18 13.89
N THR F 63 37.95 -15.21 13.28
CA THR F 63 39.36 -15.16 12.93
C THR F 63 39.62 -14.28 11.71
N VAL F 64 38.57 -13.68 11.15
CA VAL F 64 38.69 -12.85 9.96
C VAL F 64 38.08 -11.47 10.11
N LYS F 65 37.23 -11.23 11.12
CA LYS F 65 36.56 -9.95 11.29
C LYS F 65 37.58 -8.82 11.40
N GLY F 66 37.34 -7.75 10.63
CA GLY F 66 38.26 -6.64 10.57
C GLY F 66 39.52 -6.89 9.77
N ARG F 67 39.67 -8.07 9.19
CA ARG F 67 40.87 -8.43 8.45
C ARG F 67 40.64 -8.59 6.95
N PHE F 68 39.52 -9.17 6.54
CA PHE F 68 39.13 -9.27 5.14
C PHE F 68 37.94 -8.35 4.88
N THR F 69 37.52 -8.28 3.62
CA THR F 69 36.29 -7.59 3.28
C THR F 69 35.68 -8.24 2.04
N ILE F 70 34.35 -8.27 2.00
CA ILE F 70 33.60 -8.91 0.93
C ILE F 70 32.85 -7.84 0.15
N SER F 71 32.92 -7.90 -1.17
CA SER F 71 32.28 -6.92 -2.04
C SER F 71 31.50 -7.62 -3.14
N ARG F 72 30.41 -6.99 -3.57
CA ARG F 72 29.54 -7.54 -4.60
C ARG F 72 29.33 -6.47 -5.67
N ASP F 73 29.56 -6.83 -6.93
CA ASP F 73 29.32 -5.96 -8.08
C ASP F 73 28.24 -6.63 -8.93
N ASP F 74 26.98 -6.30 -8.63
CA ASP F 74 25.86 -6.97 -9.27
C ASP F 74 25.81 -6.81 -10.79
N PRO F 75 25.98 -5.62 -11.37
CA PRO F 75 25.88 -5.51 -12.84
C PRO F 75 26.88 -6.36 -13.60
N LYS F 76 28.08 -6.56 -13.06
CA LYS F 76 29.07 -7.42 -13.69
C LYS F 76 28.98 -8.87 -13.24
N ASN F 77 28.07 -9.17 -12.31
CA ASN F 77 27.87 -10.53 -11.81
C ASN F 77 29.17 -11.13 -11.28
N THR F 78 29.83 -10.39 -10.40
CA THR F 78 31.08 -10.82 -9.80
C THR F 78 31.06 -10.55 -8.30
N LEU F 79 31.53 -11.52 -7.53
CA LEU F 79 31.62 -11.40 -6.07
C LEU F 79 33.08 -11.24 -5.67
N PHE F 80 33.38 -10.20 -4.91
CA PHE F 80 34.73 -9.88 -4.51
C PHE F 80 34.93 -10.12 -3.03
N LEU F 81 36.08 -10.72 -2.68
CA LEU F 81 36.46 -10.97 -1.29
C LEU F 81 37.91 -10.54 -1.14
N GLN F 82 38.13 -9.29 -0.74
CA GLN F 82 39.47 -8.76 -0.57
C GLN F 82 40.03 -9.22 0.77
N MET F 83 41.19 -9.87 0.74
CA MET F 83 41.83 -10.40 1.93
C MET F 83 43.07 -9.57 2.24
N THR F 84 43.22 -9.19 3.50
CA THR F 84 44.33 -8.33 3.92
C THR F 84 45.10 -9.00 5.05
N SER F 85 46.43 -8.84 5.02
CA SER F 85 47.33 -9.34 6.05
C SER F 85 47.19 -10.86 6.22
N LEU F 86 47.53 -11.57 5.15
CA LEU F 86 47.43 -13.02 5.14
C LEU F 86 48.42 -13.64 6.13
N ARG F 87 47.98 -14.74 6.74
CA ARG F 87 48.74 -15.42 7.77
C ARG F 87 48.92 -16.89 7.41
N SER F 88 49.65 -17.61 8.25
CA SER F 88 49.89 -19.03 8.02
C SER F 88 48.61 -19.86 8.12
N GLU F 89 47.58 -19.35 8.79
CA GLU F 89 46.33 -20.08 8.97
C GLU F 89 45.31 -19.80 7.89
N ASP F 90 45.65 -18.98 6.88
CA ASP F 90 44.70 -18.58 5.85
C ASP F 90 44.88 -19.32 4.53
N THR F 91 45.87 -20.21 4.43
CA THR F 91 46.06 -20.95 3.20
C THR F 91 45.00 -22.05 3.07
N ALA F 92 44.34 -22.11 1.91
CA ALA F 92 43.24 -23.03 1.67
C ALA F 92 42.78 -22.89 0.24
N MET F 93 41.86 -23.77 -0.16
CA MET F 93 41.09 -23.62 -1.39
C MET F 93 39.77 -22.93 -1.05
N TYR F 94 39.50 -21.82 -1.72
CA TYR F 94 38.35 -20.98 -1.40
C TYR F 94 37.22 -21.27 -2.38
N TYR F 95 36.05 -21.62 -1.83
CA TYR F 95 34.88 -21.95 -2.63
C TYR F 95 33.86 -20.83 -2.51
N CYS F 96 33.47 -20.26 -3.66
CA CYS F 96 32.36 -19.32 -3.70
C CYS F 96 31.05 -20.08 -3.56
N VAL F 97 30.22 -19.64 -2.62
CA VAL F 97 28.99 -20.34 -2.27
C VAL F 97 27.79 -19.48 -2.64
N ARG F 98 26.87 -20.07 -3.40
CA ARG F 98 25.63 -19.42 -3.81
C ARG F 98 24.52 -19.71 -2.81
N SER F 99 23.67 -18.71 -2.57
CA SER F 99 22.57 -18.89 -1.64
C SER F 99 21.49 -17.85 -1.90
N ILE F 100 20.24 -18.27 -1.69
CA ILE F 100 19.08 -17.39 -1.77
C ILE F 100 18.14 -17.75 -0.62
N TYR F 101 17.54 -16.73 -0.01
CA TYR F 101 16.82 -16.90 1.25
C TYR F 101 15.37 -16.47 1.11
N TYR F 102 14.47 -17.45 1.08
CA TYR F 102 13.04 -17.24 1.28
C TYR F 102 12.47 -18.54 1.79
N TYR F 103 11.15 -18.54 2.05
CA TYR F 103 10.53 -19.74 2.60
C TYR F 103 10.60 -20.87 1.59
N GLY F 104 11.06 -22.04 2.04
CA GLY F 104 11.20 -23.19 1.18
C GLY F 104 12.39 -23.15 0.24
N SER F 105 13.26 -22.15 0.37
CA SER F 105 14.41 -22.03 -0.51
C SER F 105 15.49 -23.02 -0.11
N SER F 106 16.49 -23.16 -0.98
CA SER F 106 17.62 -24.06 -0.76
C SER F 106 18.89 -23.22 -0.68
N PRO F 107 19.29 -22.78 0.51
CA PRO F 107 20.58 -22.11 0.65
C PRO F 107 21.73 -23.07 0.41
N PHE F 108 22.87 -22.49 0.02
CA PHE F 108 24.09 -23.26 -0.25
C PHE F 108 23.86 -24.29 -1.35
N ASP F 109 22.95 -24.00 -2.27
CA ASP F 109 22.54 -24.96 -3.30
C ASP F 109 23.55 -25.11 -4.41
N PHE F 110 24.58 -24.28 -4.46
CA PHE F 110 25.60 -24.40 -5.49
C PHE F 110 26.93 -23.92 -4.94
N TRP F 111 28.01 -24.52 -5.44
CA TRP F 111 29.35 -24.24 -4.98
C TRP F 111 30.26 -24.06 -6.18
N GLY F 112 31.36 -23.32 -5.98
CA GLY F 112 32.29 -23.05 -7.06
C GLY F 112 33.37 -24.11 -7.18
N GLN F 113 34.20 -23.94 -8.22
CA GLN F 113 35.29 -24.87 -8.44
C GLN F 113 36.43 -24.68 -7.45
N GLY F 114 36.67 -23.45 -7.01
CA GLY F 114 37.65 -23.19 -5.98
C GLY F 114 38.97 -22.67 -6.52
N THR F 115 39.69 -21.94 -5.66
CA THR F 115 40.99 -21.40 -5.99
C THR F 115 41.92 -21.60 -4.79
N THR F 116 43.14 -22.08 -5.07
CA THR F 116 44.12 -22.31 -4.02
C THR F 116 44.86 -21.04 -3.67
N LEU F 117 45.00 -20.79 -2.38
CA LEU F 117 45.79 -19.67 -1.86
C LEU F 117 46.80 -20.23 -0.87
N THR F 118 48.07 -19.94 -1.08
CA THR F 118 49.14 -20.50 -0.26
C THR F 118 50.05 -19.40 0.27
N VAL F 119 50.55 -19.59 1.49
CA VAL F 119 51.47 -18.68 2.14
C VAL F 119 52.65 -19.48 2.66
N SER F 120 53.74 -18.78 2.93
CA SER F 120 54.96 -19.42 3.42
C SER F 120 55.54 -18.66 4.60
N SER F 136 30.16 -18.63 22.80
CA SER F 136 28.80 -18.75 22.29
C SER F 136 28.80 -19.32 20.88
N ASP F 137 29.99 -19.57 20.34
CA ASP F 137 30.11 -20.12 19.00
C ASP F 137 29.59 -21.55 18.96
N ILE F 138 28.94 -21.91 17.87
CA ILE F 138 28.39 -23.24 17.67
C ILE F 138 29.41 -24.07 16.90
N VAL F 139 29.80 -25.21 17.48
CA VAL F 139 30.82 -26.08 16.91
C VAL F 139 30.18 -27.39 16.49
N MET F 140 30.54 -27.86 15.30
CA MET F 140 30.04 -29.10 14.75
C MET F 140 31.09 -30.19 14.89
N THR F 141 30.70 -31.34 15.44
CA THR F 141 31.61 -32.43 15.70
C THR F 141 31.11 -33.69 15.00
N GLN F 142 32.05 -34.50 14.51
CA GLN F 142 31.74 -35.77 13.89
C GLN F 142 32.50 -36.88 14.60
N ALA F 143 31.76 -37.89 15.07
CA ALA F 143 32.35 -38.94 15.89
C ALA F 143 33.29 -39.84 15.11
N THR F 144 33.14 -39.91 13.78
CA THR F 144 33.98 -40.77 12.96
C THR F 144 34.57 -39.96 11.83
N SER F 145 35.80 -40.31 11.44
CA SER F 145 36.46 -39.62 10.33
C SER F 145 36.35 -40.42 9.04
N SER F 146 36.26 -41.75 9.15
CA SER F 146 36.15 -42.59 7.97
C SER F 146 35.56 -43.94 8.37
N VAL F 147 34.66 -44.45 7.52
CA VAL F 147 34.11 -45.80 7.70
C VAL F 147 34.10 -46.51 6.37
N PRO F 148 34.23 -47.84 6.39
CA PRO F 148 34.18 -48.60 5.15
C PRO F 148 32.76 -48.89 4.71
N VAL F 149 32.55 -48.77 3.39
CA VAL F 149 31.24 -48.95 2.79
C VAL F 149 31.37 -49.90 1.61
N THR F 150 30.25 -50.55 1.28
CA THR F 150 30.16 -51.45 0.15
C THR F 150 28.95 -51.06 -0.69
N PRO F 151 29.04 -51.23 -2.01
CA PRO F 151 27.89 -50.89 -2.87
C PRO F 151 26.67 -51.74 -2.52
N GLY F 152 25.50 -51.10 -2.54
CA GLY F 152 24.26 -51.78 -2.24
C GLY F 152 23.95 -51.94 -0.76
N GLU F 153 24.82 -51.48 0.12
CA GLU F 153 24.62 -51.62 1.55
C GLU F 153 23.90 -50.40 2.09
N SER F 154 23.79 -50.31 3.41
CA SER F 154 23.15 -49.17 4.07
C SER F 154 24.05 -48.68 5.19
N VAL F 155 24.23 -47.36 5.27
CA VAL F 155 25.08 -46.73 6.26
C VAL F 155 24.34 -45.54 6.87
N SER F 156 24.81 -45.11 8.04
CA SER F 156 24.24 -43.97 8.73
C SER F 156 25.39 -43.07 9.19
N ILE F 157 25.48 -41.87 8.63
CA ILE F 157 26.52 -40.90 8.95
C ILE F 157 25.90 -39.84 9.85
N SER F 158 26.58 -39.55 10.95
CA SER F 158 26.04 -38.67 11.98
C SER F 158 27.03 -37.58 12.34
N CYS F 159 26.50 -36.45 12.81
CA CYS F 159 27.30 -35.37 13.35
C CYS F 159 26.52 -34.70 14.47
N ARG F 160 27.22 -33.98 15.33
CA ARG F 160 26.62 -33.39 16.52
C ARG F 160 26.89 -31.89 16.53
N SER F 161 26.05 -31.18 17.27
CA SER F 161 26.15 -29.74 17.42
C SER F 161 26.18 -29.37 18.89
N SER F 162 26.89 -28.28 19.20
CA SER F 162 26.97 -27.83 20.58
C SER F 162 25.66 -27.18 21.05
N LYS F 163 24.94 -26.54 20.13
CA LYS F 163 23.68 -25.88 20.44
C LYS F 163 22.56 -26.53 19.64
N SER F 164 21.35 -26.47 20.18
CA SER F 164 20.19 -27.02 19.49
C SER F 164 19.92 -26.24 18.22
N LEU F 165 19.80 -26.95 17.10
CA LEU F 165 19.55 -26.32 15.81
C LEU F 165 18.06 -26.15 15.50
N LEU F 166 17.18 -26.67 16.36
CA LEU F 166 15.74 -26.55 16.14
C LEU F 166 15.26 -25.20 16.67
N HIS F 167 14.83 -24.33 15.76
CA HIS F 167 14.30 -23.03 16.15
C HIS F 167 12.87 -23.18 16.64
N SER F 168 12.39 -22.15 17.35
CA SER F 168 11.05 -22.18 17.92
C SER F 168 9.96 -22.29 16.85
N ASN F 169 10.27 -21.93 15.60
CA ASN F 169 9.29 -22.01 14.52
C ASN F 169 9.19 -23.40 13.91
N GLY F 170 9.99 -24.36 14.37
CA GLY F 170 9.94 -25.73 13.89
C GLY F 170 11.01 -26.09 12.90
N ASN F 171 11.65 -25.11 12.27
CA ASN F 171 12.74 -25.41 11.34
C ASN F 171 14.00 -25.76 12.10
N THR F 172 14.75 -26.74 11.58
CA THR F 172 16.05 -27.11 12.12
C THR F 172 17.09 -26.84 11.05
N TYR F 173 18.04 -25.95 11.36
CA TYR F 173 18.98 -25.44 10.38
C TYR F 173 20.26 -26.28 10.33
N LEU F 174 20.11 -27.49 9.77
CA LEU F 174 21.26 -28.35 9.49
C LEU F 174 21.30 -28.68 8.01
N TYR F 175 22.50 -28.66 7.45
CA TYR F 175 22.71 -28.92 6.04
C TYR F 175 23.74 -30.03 5.88
N TRP F 176 23.63 -30.80 4.82
CA TRP F 176 24.54 -31.90 4.53
C TRP F 176 25.18 -31.68 3.17
N PHE F 177 26.49 -31.95 3.09
CA PHE F 177 27.25 -31.79 1.86
C PHE F 177 28.11 -33.01 1.63
N LEU F 178 28.41 -33.28 0.36
CA LEU F 178 29.28 -34.39 -0.02
C LEU F 178 30.43 -33.85 -0.85
N GLN F 179 31.66 -34.25 -0.50
CA GLN F 179 32.86 -33.82 -1.20
C GLN F 179 33.45 -35.02 -1.92
N ARG F 180 33.19 -35.12 -3.22
CA ARG F 180 33.83 -36.15 -4.02
C ARG F 180 35.31 -35.84 -4.20
N PRO F 181 36.15 -36.85 -4.35
CA PRO F 181 37.58 -36.60 -4.53
C PRO F 181 37.86 -35.82 -5.81
N GLY F 182 38.53 -34.69 -5.65
CA GLY F 182 38.82 -33.84 -6.78
C GLY F 182 37.66 -33.04 -7.32
N GLN F 183 36.60 -32.87 -6.53
CA GLN F 183 35.43 -32.13 -6.98
C GLN F 183 35.02 -31.08 -5.96
N SER F 184 33.93 -30.37 -6.23
CA SER F 184 33.40 -29.35 -5.35
C SER F 184 32.26 -29.90 -4.51
N PRO F 185 32.05 -29.37 -3.31
CA PRO F 185 30.95 -29.86 -2.48
C PRO F 185 29.60 -29.56 -3.11
N GLN F 186 28.64 -30.44 -2.85
CA GLN F 186 27.29 -30.30 -3.40
C GLN F 186 26.28 -30.53 -2.30
N LEU F 187 25.19 -29.77 -2.35
CA LEU F 187 24.16 -29.88 -1.33
C LEU F 187 23.36 -31.16 -1.52
N LEU F 188 23.16 -31.90 -0.42
CA LEU F 188 22.31 -33.07 -0.41
C LEU F 188 20.99 -32.81 0.29
N ILE F 189 21.03 -32.35 1.54
CA ILE F 189 19.84 -32.08 2.33
C ILE F 189 19.96 -30.66 2.90
N TYR F 190 18.88 -29.89 2.76
CA TYR F 190 18.83 -28.56 3.35
C TYR F 190 17.71 -28.51 4.39
N ARG F 191 17.99 -27.87 5.52
CA ARG F 191 17.11 -27.87 6.68
C ARG F 191 16.83 -29.30 7.15
N MET F 192 17.83 -30.18 6.95
CA MET F 192 17.98 -31.50 7.56
C MET F 192 16.90 -32.49 7.15
N SER F 193 15.92 -32.06 6.40
CA SER F 193 14.87 -32.97 5.97
C SER F 193 14.60 -32.91 4.47
N ASN F 194 14.69 -31.73 3.86
CA ASN F 194 14.31 -31.55 2.47
C ASN F 194 15.50 -31.86 1.57
N LEU F 195 15.35 -32.89 0.75
CA LEU F 195 16.43 -33.30 -0.15
C LEU F 195 16.53 -32.31 -1.31
N ALA F 196 17.75 -31.86 -1.60
CA ALA F 196 17.96 -30.82 -2.59
C ALA F 196 17.70 -31.33 -4.00
N SER F 197 17.40 -30.41 -4.90
CA SER F 197 17.11 -30.76 -6.28
C SER F 197 18.35 -31.33 -6.96
N GLY F 198 18.11 -32.30 -7.85
CA GLY F 198 19.19 -32.94 -8.58
C GLY F 198 19.88 -34.06 -7.84
N VAL F 199 19.43 -34.42 -6.64
CA VAL F 199 20.02 -35.49 -5.84
C VAL F 199 19.05 -36.66 -5.86
N PRO F 200 19.54 -37.90 -5.98
CA PRO F 200 18.63 -39.06 -5.96
C PRO F 200 17.98 -39.22 -4.60
N ASP F 201 16.83 -39.90 -4.60
CA ASP F 201 16.06 -40.14 -3.38
C ASP F 201 16.74 -41.13 -2.44
N ARG F 202 17.84 -41.76 -2.88
CA ARG F 202 18.57 -42.70 -2.02
C ARG F 202 18.99 -42.06 -0.71
N PHE F 203 19.39 -40.79 -0.74
CA PHE F 203 19.78 -40.07 0.46
C PHE F 203 18.57 -39.66 1.28
N SER F 204 18.79 -39.50 2.58
CA SER F 204 17.74 -39.03 3.48
C SER F 204 18.40 -38.50 4.75
N GLY F 205 17.68 -37.62 5.43
CA GLY F 205 18.18 -37.01 6.65
C GLY F 205 17.17 -37.08 7.77
N SER F 206 17.67 -37.26 8.98
CA SER F 206 16.81 -37.36 10.15
C SER F 206 17.62 -36.98 11.38
N GLY F 207 16.90 -36.70 12.46
CA GLY F 207 17.49 -36.28 13.72
C GLY F 207 16.65 -35.20 14.36
N SER F 208 17.09 -34.75 15.53
CA SER F 208 16.37 -33.73 16.27
C SER F 208 17.26 -33.20 17.38
N GLY F 209 16.99 -31.96 17.79
CA GLY F 209 17.71 -31.35 18.89
C GLY F 209 19.18 -31.15 18.63
N THR F 210 20.02 -31.88 19.38
CA THR F 210 21.46 -31.78 19.25
C THR F 210 22.10 -32.95 18.53
N ALA F 211 21.32 -33.95 18.14
CA ALA F 211 21.83 -35.12 17.44
C ALA F 211 21.22 -35.20 16.05
N PHE F 212 22.04 -35.61 15.09
CA PHE F 212 21.62 -35.67 13.70
C PHE F 212 22.27 -36.87 13.03
N THR F 213 21.66 -37.32 11.93
CA THR F 213 22.20 -38.44 11.19
C THR F 213 21.71 -38.37 9.74
N LEU F 214 22.52 -38.92 8.84
CA LEU F 214 22.18 -39.02 7.43
C LEU F 214 22.07 -40.50 7.06
N THR F 215 20.91 -40.90 6.57
CA THR F 215 20.64 -42.30 6.22
C THR F 215 20.75 -42.47 4.72
N ILE F 216 21.68 -43.33 4.29
CA ILE F 216 21.90 -43.62 2.88
C ILE F 216 21.72 -45.11 2.66
N SER F 217 20.94 -45.46 1.63
CA SER F 217 20.71 -46.85 1.27
C SER F 217 21.01 -47.03 -0.22
N ARG F 218 21.43 -48.24 -0.58
CA ARG F 218 21.77 -48.59 -1.95
C ARG F 218 22.86 -47.66 -2.49
N LEU F 219 24.03 -47.74 -1.86
CA LEU F 219 25.16 -46.90 -2.23
C LEU F 219 25.77 -47.35 -3.55
N GLU F 220 26.45 -46.42 -4.21
CA GLU F 220 27.20 -46.71 -5.42
C GLU F 220 28.56 -46.02 -5.33
N ALA F 221 29.34 -46.13 -6.40
CA ALA F 221 30.65 -45.50 -6.44
C ALA F 221 30.57 -43.98 -6.41
N GLU F 222 29.43 -43.41 -6.83
CA GLU F 222 29.27 -41.96 -6.84
C GLU F 222 29.14 -41.38 -5.44
N ASP F 223 28.92 -42.20 -4.43
CA ASP F 223 28.78 -41.72 -3.05
C ASP F 223 30.09 -41.71 -2.28
N VAL F 224 31.20 -42.09 -2.91
CA VAL F 224 32.48 -42.07 -2.24
C VAL F 224 32.95 -40.63 -2.07
N GLY F 225 33.18 -40.22 -0.84
CA GLY F 225 33.59 -38.85 -0.58
C GLY F 225 33.55 -38.54 0.90
N VAL F 226 33.60 -37.25 1.21
CA VAL F 226 33.61 -36.76 2.58
C VAL F 226 32.31 -36.02 2.84
N TYR F 227 31.65 -36.36 3.95
CA TYR F 227 30.35 -35.78 4.30
C TYR F 227 30.53 -34.77 5.41
N TYR F 228 30.22 -33.50 5.11
CA TYR F 228 30.25 -32.43 6.08
C TYR F 228 28.83 -32.04 6.47
N CYS F 229 28.68 -31.48 7.66
CA CYS F 229 27.41 -30.92 8.08
C CYS F 229 27.60 -29.52 8.62
N MET F 230 26.65 -28.65 8.30
CA MET F 230 26.75 -27.22 8.60
C MET F 230 25.49 -26.77 9.33
N GLN F 231 25.66 -25.90 10.32
CA GLN F 231 24.54 -25.29 11.01
C GLN F 231 24.39 -23.84 10.54
N HIS F 232 23.14 -23.45 10.29
CA HIS F 232 22.82 -22.14 9.73
C HIS F 232 21.97 -21.30 10.66
N LEU F 233 21.79 -21.76 11.90
CA LEU F 233 20.93 -21.05 12.84
C LEU F 233 21.47 -19.66 13.17
N GLU F 234 22.78 -19.56 13.43
CA GLU F 234 23.38 -18.30 13.83
C GLU F 234 24.77 -18.20 13.22
N TYR F 235 25.23 -16.96 13.07
CA TYR F 235 26.57 -16.70 12.54
C TYR F 235 27.64 -17.11 13.53
N THR F 238 30.60 -22.63 9.96
CA THR F 238 30.60 -23.57 11.07
C THR F 238 30.33 -24.99 10.58
N PHE F 239 31.34 -25.60 9.97
CA PHE F 239 31.23 -26.94 9.42
C PHE F 239 31.69 -27.99 10.43
N GLY F 240 31.45 -29.25 10.08
CA GLY F 240 31.96 -30.36 10.88
C GLY F 240 33.33 -30.80 10.42
N ALA F 241 33.81 -31.89 11.05
CA ALA F 241 35.13 -32.40 10.72
C ALA F 241 35.15 -33.06 9.35
N GLY F 242 34.16 -33.90 9.06
CA GLY F 242 34.13 -34.62 7.80
C GLY F 242 34.31 -36.12 7.95
N THR F 243 33.42 -36.89 7.33
CA THR F 243 33.47 -38.35 7.38
C THR F 243 33.66 -38.90 5.98
N LYS F 244 34.67 -39.75 5.82
CA LYS F 244 35.05 -40.28 4.51
C LYS F 244 34.46 -41.67 4.33
N LEU F 245 33.91 -41.94 3.14
CA LEU F 245 33.41 -43.24 2.78
C LEU F 245 34.30 -43.87 1.72
N GLU F 246 34.63 -45.14 1.90
CA GLU F 246 35.49 -45.85 0.97
C GLU F 246 35.18 -47.34 1.05
N LEU F 247 35.65 -48.07 0.04
CA LEU F 247 35.45 -49.51 -0.01
C LEU F 247 36.26 -50.23 1.06
#